data_7RTC
#
_entry.id   7RTC
#
_cell.length_a   67.122
_cell.length_b   102.823
_cell.length_c   100.198
_cell.angle_alpha   90.000
_cell.angle_beta   103.836
_cell.angle_gamma   90.000
#
_symmetry.space_group_name_H-M   'P 1 21 1'
#
loop_
_entity.id
_entity.type
_entity.pdbx_description
1 polymer 'NAD(+) hydrolase sarm1'
2 non-polymer 'NICOTINATE MONONUCLEOTIDE'
#
_entity_poly.entity_id   1
_entity_poly.type   'polypeptide(L)'
_entity_poly.pdbx_seq_one_letter_code
;DLKLDDLKSLTAGSGQQEIEQTINKYSNMLTSIVSSLQEDERGGSAITVHDVGGKKSQYLEKINEVIRRAWAVPTHGHEL
GYSLCNSLRQSGGLDLLMKNCVKPDLQFSSAQLLEQCLTTENRKHVVDNGLDKVVNVACVCTKNSNMEHSRVGTGILEHL
FKHSEGTCSDVIRLGGLDAVLFECRTSDLETLRHCASALANLSLYGGAENQEEMILRKVPMWLFPLAFHNDDNIKYYACL
AIAVLVANKEIEAEVLKSGCLDLVEPFVTSHDPSAFARSNLAHAHGQSKHWLKRLVPVLSSNREEARNLAAFHFCMEAGI
KREQGNTDIFREINAIEALKNVASCPNAIASKFAAQALRLIGET
;
_entity_poly.pdbx_strand_id   A,B,C
#
# COMPACT_ATOMS: atom_id res chain seq x y z
N ALA A 12 -23.28 -2.82 24.12
CA ALA A 12 -23.53 -3.37 22.79
C ALA A 12 -22.53 -2.77 21.79
N GLY A 13 -23.02 -2.28 20.65
CA GLY A 13 -22.16 -1.76 19.60
C GLY A 13 -22.15 -0.24 19.61
N SER A 14 -20.94 0.33 19.54
CA SER A 14 -20.78 1.77 19.65
C SER A 14 -20.17 2.30 18.35
N GLY A 15 -18.88 2.65 18.34
CA GLY A 15 -18.29 3.32 17.20
C GLY A 15 -16.83 2.99 16.94
N GLN A 16 -16.15 3.87 16.19
CA GLN A 16 -14.78 3.66 15.74
C GLN A 16 -13.82 3.98 16.88
N GLN A 17 -13.36 2.94 17.58
CA GLN A 17 -12.53 3.08 18.77
C GLN A 17 -11.40 2.05 18.68
N GLU A 18 -10.59 1.95 19.74
CA GLU A 18 -9.62 0.86 19.86
C GLU A 18 -10.00 -0.05 21.03
N ILE A 19 -11.02 -0.88 20.81
CA ILE A 19 -11.55 -1.77 21.85
C ILE A 19 -11.56 -3.20 21.34
N GLU A 20 -10.66 -4.03 21.87
CA GLU A 20 -10.67 -5.46 21.66
C GLU A 20 -11.40 -6.20 22.77
N GLN A 21 -11.71 -5.50 23.86
CA GLN A 21 -12.50 -6.07 24.95
C GLN A 21 -13.88 -6.49 24.46
N THR A 22 -14.44 -5.79 23.48
CA THR A 22 -15.72 -6.19 22.91
C THR A 22 -15.58 -7.45 22.07
N ILE A 23 -14.49 -7.53 21.28
CA ILE A 23 -14.19 -8.76 20.55
C ILE A 23 -14.21 -9.94 21.52
N ASN A 24 -13.45 -9.80 22.61
CA ASN A 24 -13.32 -10.90 23.58
C ASN A 24 -14.64 -11.19 24.26
N LYS A 25 -15.36 -10.15 24.70
CA LYS A 25 -16.63 -10.33 25.40
C LYS A 25 -17.63 -11.10 24.54
N TYR A 26 -17.87 -10.64 23.31
CA TYR A 26 -18.89 -11.30 22.51
C TYR A 26 -18.40 -12.64 21.98
N SER A 27 -17.10 -12.83 21.82
CA SER A 27 -16.61 -14.17 21.49
C SER A 27 -16.87 -15.14 22.62
N ASN A 28 -16.60 -14.74 23.87
CA ASN A 28 -16.87 -15.61 25.00
C ASN A 28 -18.36 -15.88 25.15
N MET A 29 -19.18 -14.86 24.94
CA MET A 29 -20.63 -15.06 24.96
C MET A 29 -21.04 -16.11 23.94
N LEU A 30 -20.51 -15.99 22.71
CA LEU A 30 -20.85 -16.93 21.66
C LEU A 30 -20.44 -18.35 22.01
N THR A 31 -19.21 -18.52 22.50
CA THR A 31 -18.74 -19.87 22.83
C THR A 31 -19.51 -20.46 24.00
N SER A 32 -19.89 -19.64 24.97
CA SER A 32 -20.68 -20.14 26.08
C SER A 32 -22.06 -20.60 25.61
N ILE A 33 -22.72 -19.81 24.76
CA ILE A 33 -24.02 -20.21 24.25
C ILE A 33 -23.90 -21.49 23.41
N VAL A 34 -22.84 -21.60 22.61
CA VAL A 34 -22.65 -22.79 21.79
C VAL A 34 -22.40 -24.04 22.64
N SER A 35 -21.72 -23.89 23.78
CA SER A 35 -21.45 -25.05 24.62
C SER A 35 -22.73 -25.77 25.05
N SER A 36 -23.90 -25.16 24.88
CA SER A 36 -25.19 -25.75 25.22
C SER A 36 -25.62 -26.85 24.25
N LEU A 37 -24.81 -27.89 24.08
CA LEU A 37 -25.16 -29.04 23.27
C LEU A 37 -25.49 -30.25 24.13
N GLN A 38 -26.38 -31.11 23.62
CA GLN A 38 -26.75 -32.36 24.29
C GLN A 38 -26.39 -33.57 23.43
N TYR A 59 -34.05 -21.13 18.24
CA TYR A 59 -34.30 -21.02 19.68
C TYR A 59 -33.38 -19.93 20.27
N LEU A 60 -32.32 -20.31 20.98
CA LEU A 60 -31.32 -19.33 21.44
C LEU A 60 -30.36 -18.99 20.30
N GLU A 61 -30.94 -18.53 19.19
CA GLU A 61 -30.17 -18.11 18.03
C GLU A 61 -30.03 -16.59 17.98
N LYS A 62 -29.82 -15.98 19.14
CA LYS A 62 -29.39 -14.59 19.19
C LYS A 62 -27.93 -14.44 18.76
N ILE A 63 -27.23 -15.56 18.55
CA ILE A 63 -25.90 -15.49 17.96
C ILE A 63 -25.97 -14.84 16.57
N ASN A 64 -27.05 -15.11 15.84
CA ASN A 64 -27.20 -14.50 14.53
C ASN A 64 -27.38 -12.99 14.64
N GLU A 65 -28.15 -12.53 15.63
CA GLU A 65 -28.30 -11.09 15.84
C GLU A 65 -26.95 -10.45 16.16
N VAL A 66 -26.19 -11.07 17.07
CA VAL A 66 -24.94 -10.45 17.50
C VAL A 66 -23.94 -10.40 16.35
N ILE A 67 -23.89 -11.45 15.51
CA ILE A 67 -22.95 -11.42 14.39
C ILE A 67 -23.44 -10.46 13.29
N ARG A 68 -24.75 -10.47 13.03
CA ARG A 68 -25.32 -9.53 12.07
C ARG A 68 -24.96 -8.10 12.41
N ARG A 69 -25.01 -7.74 13.70
CA ARG A 69 -24.62 -6.40 14.10
C ARG A 69 -23.12 -6.24 14.27
N ALA A 70 -22.38 -7.35 14.41
CA ALA A 70 -20.93 -7.27 14.48
C ALA A 70 -20.33 -6.89 13.14
N TRP A 71 -20.81 -7.52 12.05
CA TRP A 71 -20.35 -7.10 10.74
C TRP A 71 -20.67 -5.64 10.46
N ALA A 72 -21.67 -5.07 11.16
CA ALA A 72 -22.15 -3.73 10.86
C ALA A 72 -21.28 -2.63 11.46
N VAL A 73 -20.42 -2.97 12.42
CA VAL A 73 -19.52 -2.00 13.04
C VAL A 73 -18.89 -1.16 11.94
N PRO A 74 -18.90 0.18 12.06
CA PRO A 74 -18.53 1.03 10.91
C PRO A 74 -17.26 0.62 10.18
N THR A 75 -16.13 0.58 10.87
CA THR A 75 -14.84 0.27 10.24
C THR A 75 -14.25 -1.04 10.71
N HIS A 76 -14.42 -1.38 11.98
CA HIS A 76 -13.87 -2.57 12.60
C HIS A 76 -14.77 -3.79 12.45
N GLY A 77 -15.85 -3.68 11.67
CA GLY A 77 -16.77 -4.80 11.54
C GLY A 77 -16.15 -6.03 10.94
N HIS A 78 -15.19 -5.86 10.03
CA HIS A 78 -14.53 -7.01 9.43
C HIS A 78 -13.81 -7.84 10.50
N GLU A 79 -13.02 -7.18 11.34
CA GLU A 79 -12.26 -7.89 12.36
C GLU A 79 -13.19 -8.59 13.36
N LEU A 80 -14.18 -7.86 13.89
CA LEU A 80 -15.11 -8.45 14.84
C LEU A 80 -15.83 -9.64 14.23
N GLY A 81 -16.30 -9.50 13.00
CA GLY A 81 -17.01 -10.60 12.36
C GLY A 81 -16.13 -11.81 12.17
N TYR A 82 -14.91 -11.61 11.66
CA TYR A 82 -14.03 -12.75 11.44
C TYR A 82 -13.68 -13.44 12.76
N SER A 83 -13.40 -12.67 13.81
CA SER A 83 -13.06 -13.29 15.09
C SER A 83 -14.26 -14.04 15.67
N LEU A 84 -15.48 -13.49 15.53
CA LEU A 84 -16.64 -14.18 16.08
C LEU A 84 -16.96 -15.44 15.28
N CYS A 85 -16.80 -15.41 13.96
CA CYS A 85 -17.04 -16.64 13.18
C CYS A 85 -15.96 -17.68 13.46
N ASN A 86 -14.72 -17.24 13.70
CA ASN A 86 -13.69 -18.20 14.11
C ASN A 86 -14.00 -18.79 15.48
N SER A 87 -14.53 -17.97 16.39
CA SER A 87 -14.98 -18.50 17.68
C SER A 87 -16.11 -19.49 17.49
N LEU A 88 -17.01 -19.22 16.53
CA LEU A 88 -18.10 -20.14 16.24
C LEU A 88 -17.56 -21.50 15.79
N ARG A 89 -16.60 -21.48 14.87
CA ARG A 89 -16.04 -22.75 14.39
C ARG A 89 -15.26 -23.45 15.50
N GLN A 90 -14.48 -22.70 16.27
CA GLN A 90 -13.57 -23.32 17.23
C GLN A 90 -14.32 -23.88 18.42
N SER A 91 -15.46 -23.29 18.77
CA SER A 91 -16.27 -23.81 19.87
C SER A 91 -17.09 -25.02 19.44
N GLY A 92 -16.90 -25.51 18.21
CA GLY A 92 -17.69 -26.61 17.70
C GLY A 92 -19.09 -26.24 17.24
N GLY A 93 -19.40 -24.94 17.16
CA GLY A 93 -20.74 -24.53 16.78
C GLY A 93 -21.03 -24.72 15.30
N LEU A 94 -20.00 -24.65 14.46
CA LEU A 94 -20.22 -24.86 13.03
C LEU A 94 -20.69 -26.28 12.77
N ASP A 95 -20.04 -27.26 13.39
CA ASP A 95 -20.49 -28.65 13.27
C ASP A 95 -21.92 -28.80 13.75
N LEU A 96 -22.28 -28.09 14.83
CA LEU A 96 -23.64 -28.18 15.35
C LEU A 96 -24.64 -27.60 14.36
N LEU A 97 -24.28 -26.49 13.72
CA LEU A 97 -25.16 -25.91 12.70
C LEU A 97 -25.36 -26.88 11.54
N MET A 98 -24.26 -27.49 11.06
CA MET A 98 -24.38 -28.43 9.95
C MET A 98 -25.16 -29.67 10.35
N LYS A 99 -25.14 -30.03 11.64
CA LYS A 99 -25.84 -31.21 12.09
C LYS A 99 -27.35 -30.95 12.21
N ASN A 100 -27.74 -29.87 12.87
CA ASN A 100 -29.14 -29.57 13.08
C ASN A 100 -29.77 -28.78 11.94
N CYS A 101 -29.12 -28.70 10.78
CA CYS A 101 -29.75 -28.13 9.61
C CYS A 101 -30.56 -29.14 8.81
N VAL A 102 -30.46 -30.44 9.15
CA VAL A 102 -31.37 -31.45 8.60
C VAL A 102 -32.55 -31.71 9.53
N LYS A 103 -32.60 -31.05 10.70
CA LYS A 103 -33.73 -31.08 11.61
C LYS A 103 -34.69 -29.95 11.27
N PRO A 104 -35.99 -30.19 11.15
CA PRO A 104 -36.88 -29.15 10.64
C PRO A 104 -36.98 -27.92 11.54
N ASP A 105 -37.25 -28.15 12.83
CA ASP A 105 -37.53 -27.04 13.73
C ASP A 105 -36.35 -26.09 13.88
N LEU A 106 -35.13 -26.57 13.65
CA LEU A 106 -33.93 -25.75 13.75
C LEU A 106 -33.30 -25.46 12.39
N GLN A 107 -34.03 -25.69 11.30
CA GLN A 107 -33.44 -25.52 9.98
C GLN A 107 -33.09 -24.07 9.69
N PHE A 108 -34.12 -23.24 9.44
CA PHE A 108 -33.86 -21.86 9.07
C PHE A 108 -33.08 -21.14 10.16
N SER A 109 -33.50 -21.31 11.42
CA SER A 109 -32.82 -20.65 12.53
C SER A 109 -31.31 -20.86 12.44
N SER A 110 -30.89 -22.04 11.97
CA SER A 110 -29.47 -22.31 11.83
C SER A 110 -28.91 -21.80 10.51
N ALA A 111 -29.62 -22.02 9.41
CA ALA A 111 -29.10 -21.61 8.11
C ALA A 111 -28.87 -20.10 8.08
N GLN A 112 -29.76 -19.35 8.74
CA GLN A 112 -29.60 -17.89 8.82
C GLN A 112 -28.23 -17.54 9.38
N LEU A 113 -27.84 -18.19 10.48
CA LEU A 113 -26.53 -17.93 11.07
C LEU A 113 -25.40 -18.44 10.18
N LEU A 114 -25.66 -19.47 9.38
CA LEU A 114 -24.59 -20.02 8.54
C LEU A 114 -24.29 -19.15 7.34
N GLU A 115 -25.27 -18.34 6.89
CA GLU A 115 -25.02 -17.46 5.76
C GLU A 115 -24.10 -16.30 6.13
N GLN A 116 -24.04 -15.93 7.40
CA GLN A 116 -23.23 -14.80 7.85
C GLN A 116 -21.88 -15.22 8.41
N CYS A 117 -21.60 -16.52 8.50
CA CYS A 117 -20.32 -17.02 8.97
C CYS A 117 -19.78 -18.06 8.02
N LEU A 118 -19.86 -17.77 6.72
CA LEU A 118 -19.20 -18.58 5.71
C LEU A 118 -17.90 -17.90 5.27
N THR A 119 -17.03 -17.69 6.25
CA THR A 119 -15.70 -17.18 5.98
C THR A 119 -14.91 -18.23 5.20
N THR A 120 -13.65 -17.90 4.90
CA THR A 120 -12.84 -18.79 4.09
C THR A 120 -12.60 -20.12 4.81
N GLU A 121 -12.16 -20.07 6.07
CA GLU A 121 -11.92 -21.30 6.82
C GLU A 121 -13.23 -22.05 7.05
N ASN A 122 -14.29 -21.34 7.47
CA ASN A 122 -15.58 -21.97 7.66
C ASN A 122 -16.09 -22.54 6.33
N ARG A 123 -15.84 -21.85 5.23
CA ARG A 123 -16.25 -22.35 3.93
C ARG A 123 -15.56 -23.67 3.62
N LYS A 124 -14.25 -23.75 3.90
CA LYS A 124 -13.52 -25.01 3.72
C LYS A 124 -14.10 -26.11 4.60
N HIS A 125 -14.34 -25.81 5.87
CA HIS A 125 -14.88 -26.81 6.78
C HIS A 125 -16.22 -27.34 6.28
N VAL A 126 -17.10 -26.45 5.83
CA VAL A 126 -18.41 -26.87 5.33
C VAL A 126 -18.24 -27.73 4.08
N VAL A 127 -17.44 -27.25 3.12
CA VAL A 127 -17.27 -28.01 1.88
C VAL A 127 -16.72 -29.40 2.16
N ASP A 128 -15.88 -29.53 3.19
CA ASP A 128 -15.22 -30.82 3.45
C ASP A 128 -16.06 -31.77 4.28
N ASN A 129 -16.80 -31.28 5.27
CA ASN A 129 -17.48 -32.15 6.22
C ASN A 129 -19.00 -32.00 6.17
N GLY A 130 -19.54 -31.59 5.03
CA GLY A 130 -20.99 -31.57 4.88
C GLY A 130 -21.51 -30.56 3.89
N LEU A 131 -21.19 -30.74 2.61
CA LEU A 131 -21.70 -29.86 1.57
C LEU A 131 -23.16 -30.16 1.28
N ASP A 132 -23.53 -31.45 1.26
CA ASP A 132 -24.87 -31.84 0.82
C ASP A 132 -25.94 -31.21 1.70
N LYS A 133 -25.77 -31.30 3.02
CA LYS A 133 -26.79 -30.76 3.92
C LYS A 133 -26.97 -29.26 3.73
N VAL A 134 -25.86 -28.52 3.64
CA VAL A 134 -25.95 -27.07 3.51
C VAL A 134 -26.62 -26.71 2.18
N VAL A 135 -26.19 -27.36 1.10
CA VAL A 135 -26.78 -27.07 -0.21
C VAL A 135 -28.27 -27.37 -0.20
N ASN A 136 -28.67 -28.47 0.41
CA ASN A 136 -30.08 -28.85 0.40
C ASN A 136 -30.93 -27.88 1.22
N VAL A 137 -30.40 -27.43 2.37
CA VAL A 137 -31.16 -26.47 3.17
C VAL A 137 -31.26 -25.15 2.45
N ALA A 138 -30.21 -24.75 1.71
CA ALA A 138 -30.32 -23.53 0.91
C ALA A 138 -31.39 -23.69 -0.18
N CYS A 139 -31.42 -24.84 -0.84
CA CYS A 139 -32.41 -25.07 -1.89
C CYS A 139 -33.83 -24.97 -1.34
N VAL A 140 -34.10 -25.63 -0.20
CA VAL A 140 -35.43 -25.57 0.37
C VAL A 140 -35.73 -24.20 0.97
N CYS A 141 -34.71 -23.43 1.35
CA CYS A 141 -34.93 -22.05 1.78
C CYS A 141 -35.38 -21.18 0.61
N THR A 142 -34.82 -21.41 -0.57
CA THR A 142 -35.24 -20.67 -1.74
C THR A 142 -36.57 -21.16 -2.30
N LYS A 143 -36.94 -22.43 -2.04
CA LYS A 143 -38.19 -22.95 -2.59
C LYS A 143 -39.42 -22.31 -1.95
N ASN A 144 -39.31 -21.89 -0.68
CA ASN A 144 -40.46 -21.37 0.02
C ASN A 144 -40.65 -19.87 -0.24
N SER A 145 -41.86 -19.40 0.05
CA SER A 145 -42.27 -18.05 -0.32
C SER A 145 -41.77 -16.98 0.63
N ASN A 146 -41.40 -17.33 1.86
CA ASN A 146 -40.91 -16.31 2.79
C ASN A 146 -39.61 -15.71 2.26
N MET A 147 -39.57 -14.38 2.23
CA MET A 147 -38.45 -13.72 1.57
C MET A 147 -37.15 -13.85 2.36
N GLU A 148 -37.22 -13.73 3.69
CA GLU A 148 -35.98 -13.86 4.47
C GLU A 148 -35.33 -15.22 4.23
N HIS A 149 -36.13 -16.28 4.13
CA HIS A 149 -35.59 -17.60 3.85
C HIS A 149 -34.89 -17.62 2.49
N SER A 150 -35.50 -17.00 1.48
CA SER A 150 -34.90 -16.98 0.15
C SER A 150 -33.60 -16.18 0.14
N ARG A 151 -33.56 -15.05 0.86
CA ARG A 151 -32.33 -14.29 1.02
C ARG A 151 -31.23 -15.17 1.61
N VAL A 152 -31.55 -15.87 2.70
CA VAL A 152 -30.56 -16.72 3.36
C VAL A 152 -30.05 -17.79 2.40
N GLY A 153 -30.96 -18.43 1.68
CA GLY A 153 -30.55 -19.53 0.80
C GLY A 153 -29.69 -19.07 -0.36
N THR A 154 -30.09 -17.98 -1.01
CA THR A 154 -29.28 -17.45 -2.10
C THR A 154 -27.90 -17.00 -1.61
N GLY A 155 -27.84 -16.41 -0.40
CA GLY A 155 -26.54 -16.02 0.12
C GLY A 155 -25.63 -17.20 0.39
N ILE A 156 -26.19 -18.26 0.99
CA ILE A 156 -25.39 -19.46 1.23
C ILE A 156 -24.84 -19.99 -0.08
N LEU A 157 -25.67 -20.04 -1.13
CA LEU A 157 -25.17 -20.55 -2.41
C LEU A 157 -24.08 -19.66 -2.98
N GLU A 158 -24.28 -18.34 -2.93
CA GLU A 158 -23.22 -17.41 -3.34
C GLU A 158 -21.90 -17.80 -2.69
N HIS A 159 -21.90 -17.86 -1.36
CA HIS A 159 -20.65 -18.13 -0.64
C HIS A 159 -20.08 -19.50 -0.99
N LEU A 160 -20.94 -20.49 -1.25
CA LEU A 160 -20.42 -21.82 -1.58
C LEU A 160 -19.84 -21.89 -2.99
N PHE A 161 -20.16 -20.93 -3.85
CA PHE A 161 -19.58 -20.93 -5.19
C PHE A 161 -18.17 -20.30 -5.24
N LYS A 162 -17.54 -20.02 -4.09
CA LYS A 162 -16.23 -19.38 -4.04
C LYS A 162 -15.16 -20.31 -3.48
N HIS A 163 -15.12 -21.57 -3.93
CA HIS A 163 -14.20 -22.54 -3.35
C HIS A 163 -13.30 -23.16 -4.42
N SER A 164 -13.84 -23.92 -5.35
CA SER A 164 -13.01 -24.62 -6.31
C SER A 164 -13.87 -25.07 -7.49
N GLU A 165 -13.20 -25.50 -8.55
CA GLU A 165 -13.92 -26.10 -9.67
C GLU A 165 -14.68 -27.34 -9.22
N GLY A 166 -14.05 -28.18 -8.39
CA GLY A 166 -14.75 -29.36 -7.91
C GLY A 166 -15.97 -29.00 -7.08
N THR A 167 -15.82 -28.03 -6.18
CA THR A 167 -16.95 -27.62 -5.35
C THR A 167 -18.06 -27.01 -6.19
N CYS A 168 -17.69 -26.21 -7.19
CA CYS A 168 -18.70 -25.63 -8.07
C CYS A 168 -19.44 -26.73 -8.84
N SER A 169 -18.71 -27.70 -9.36
CA SER A 169 -19.34 -28.81 -10.07
C SER A 169 -20.31 -29.54 -9.15
N ASP A 170 -19.88 -29.84 -7.93
CA ASP A 170 -20.75 -30.56 -7.00
C ASP A 170 -21.98 -29.75 -6.64
N VAL A 171 -21.83 -28.44 -6.40
CA VAL A 171 -22.97 -27.62 -6.06
C VAL A 171 -23.94 -27.53 -7.24
N ILE A 172 -23.41 -27.52 -8.46
CA ILE A 172 -24.28 -27.58 -9.64
C ILE A 172 -25.05 -28.89 -9.64
N ARG A 173 -24.37 -29.99 -9.32
CA ARG A 173 -25.04 -31.29 -9.29
C ARG A 173 -26.14 -31.32 -8.24
N LEU A 174 -25.89 -30.75 -7.06
CA LEU A 174 -26.85 -30.73 -5.97
C LEU A 174 -27.95 -29.70 -6.14
N GLY A 175 -27.97 -28.97 -7.25
CA GLY A 175 -29.09 -28.10 -7.57
C GLY A 175 -29.00 -26.67 -7.10
N GLY A 176 -27.81 -26.12 -6.93
CA GLY A 176 -27.65 -24.74 -6.51
C GLY A 176 -27.81 -23.76 -7.66
N LEU A 177 -27.22 -24.10 -8.79
CA LEU A 177 -27.37 -23.26 -9.98
C LEU A 177 -28.84 -23.10 -10.35
N ASP A 178 -29.61 -24.19 -10.28
CA ASP A 178 -31.04 -24.11 -10.56
C ASP A 178 -31.74 -23.16 -9.59
N ALA A 179 -31.37 -23.21 -8.32
CA ALA A 179 -32.01 -22.35 -7.33
C ALA A 179 -31.72 -20.88 -7.61
N VAL A 180 -30.46 -20.54 -7.91
CA VAL A 180 -30.15 -19.13 -8.15
C VAL A 180 -30.79 -18.65 -9.44
N LEU A 181 -30.84 -19.51 -10.46
CA LEU A 181 -31.45 -19.10 -11.72
C LEU A 181 -32.95 -18.98 -11.59
N PHE A 182 -33.56 -19.72 -10.66
CA PHE A 182 -34.97 -19.52 -10.37
C PHE A 182 -35.21 -18.22 -9.61
N GLU A 183 -34.34 -17.92 -8.65
CA GLU A 183 -34.47 -16.68 -7.89
C GLU A 183 -34.13 -15.46 -8.73
N CYS A 184 -33.49 -15.64 -9.88
CA CYS A 184 -33.27 -14.53 -10.81
C CYS A 184 -34.58 -13.91 -11.29
N ARG A 185 -35.71 -14.57 -11.05
CA ARG A 185 -37.02 -14.05 -11.41
C ARG A 185 -37.67 -13.27 -10.28
N THR A 186 -36.99 -13.12 -9.15
CA THR A 186 -37.59 -12.53 -7.96
C THR A 186 -37.59 -11.01 -8.05
N SER A 187 -38.20 -10.38 -7.04
CA SER A 187 -38.22 -8.94 -6.91
C SER A 187 -37.33 -8.42 -5.79
N ASP A 188 -37.15 -9.19 -4.72
CA ASP A 188 -36.33 -8.75 -3.60
C ASP A 188 -34.96 -8.32 -4.09
N LEU A 189 -34.43 -7.24 -3.49
CA LEU A 189 -33.13 -6.72 -3.90
C LEU A 189 -32.00 -7.56 -3.31
N GLU A 190 -32.10 -7.91 -2.03
CA GLU A 190 -31.06 -8.74 -1.41
C GLU A 190 -30.88 -10.04 -2.16
N THR A 191 -31.99 -10.66 -2.57
CA THR A 191 -31.92 -11.92 -3.29
C THR A 191 -31.27 -11.75 -4.65
N LEU A 192 -31.63 -10.68 -5.37
CA LEU A 192 -31.02 -10.46 -6.68
C LEU A 192 -29.53 -10.17 -6.56
N ARG A 193 -29.12 -9.46 -5.50
CA ARG A 193 -27.71 -9.20 -5.30
C ARG A 193 -26.96 -10.49 -4.98
N HIS A 194 -27.52 -11.33 -4.12
CA HIS A 194 -26.92 -12.63 -3.86
C HIS A 194 -26.81 -13.45 -5.15
N CYS A 195 -27.84 -13.38 -6.00
CA CYS A 195 -27.85 -14.14 -7.25
C CYS A 195 -26.78 -13.65 -8.21
N ALA A 196 -26.66 -12.33 -8.38
CA ALA A 196 -25.63 -11.78 -9.25
C ALA A 196 -24.24 -12.15 -8.75
N SER A 197 -23.99 -11.96 -7.44
CA SER A 197 -22.68 -12.30 -6.90
C SER A 197 -22.39 -13.78 -7.06
N ALA A 198 -23.41 -14.63 -6.90
CA ALA A 198 -23.21 -16.06 -7.05
C ALA A 198 -22.85 -16.42 -8.50
N LEU A 199 -23.56 -15.83 -9.46
CA LEU A 199 -23.25 -16.12 -10.85
C LEU A 199 -21.86 -15.62 -11.25
N ALA A 200 -21.43 -14.48 -10.69
CA ALA A 200 -20.07 -14.01 -10.93
C ALA A 200 -19.04 -14.98 -10.34
N ASN A 201 -19.25 -15.37 -9.08
CA ASN A 201 -18.34 -16.32 -8.44
C ASN A 201 -18.27 -17.62 -9.21
N LEU A 202 -19.39 -18.06 -9.78
CA LEU A 202 -19.37 -19.30 -10.55
C LEU A 202 -18.63 -19.13 -11.87
N SER A 203 -18.90 -18.02 -12.57
CA SER A 203 -18.14 -17.73 -13.79
C SER A 203 -16.65 -17.74 -13.52
N LEU A 204 -16.24 -17.31 -12.32
CA LEU A 204 -14.82 -17.22 -12.03
C LEU A 204 -14.23 -18.57 -11.60
N TYR A 205 -14.89 -19.26 -10.66
CA TYR A 205 -14.35 -20.48 -10.07
C TYR A 205 -14.76 -21.75 -10.78
N GLY A 206 -15.55 -21.66 -11.86
CA GLY A 206 -16.13 -22.82 -12.50
C GLY A 206 -15.17 -23.56 -13.40
N GLY A 207 -14.60 -22.85 -14.37
CA GLY A 207 -13.74 -23.47 -15.37
C GLY A 207 -14.43 -23.57 -16.72
N ALA A 208 -14.02 -24.54 -17.53
CA ALA A 208 -14.59 -24.68 -18.86
C ALA A 208 -15.86 -25.53 -18.83
N GLU A 209 -15.81 -26.71 -18.22
CA GLU A 209 -16.98 -27.57 -18.18
C GLU A 209 -18.16 -26.85 -17.51
N ASN A 210 -17.91 -26.21 -16.37
CA ASN A 210 -19.01 -25.57 -15.65
C ASN A 210 -19.54 -24.37 -16.40
N GLN A 211 -18.69 -23.64 -17.12
CA GLN A 211 -19.18 -22.54 -17.94
C GLN A 211 -20.02 -23.04 -19.11
N GLU A 212 -19.63 -24.18 -19.69
CA GLU A 212 -20.47 -24.84 -20.68
C GLU A 212 -21.84 -25.16 -20.09
N GLU A 213 -21.85 -25.78 -18.91
CA GLU A 213 -23.10 -26.08 -18.23
C GLU A 213 -23.92 -24.82 -18.02
N MET A 214 -23.27 -23.72 -17.63
CA MET A 214 -23.97 -22.46 -17.45
C MET A 214 -24.64 -22.00 -18.74
N ILE A 215 -23.92 -22.10 -19.86
CA ILE A 215 -24.52 -21.73 -21.14
C ILE A 215 -25.67 -22.65 -21.50
N LEU A 216 -25.62 -23.91 -21.07
CA LEU A 216 -26.73 -24.82 -21.33
C LEU A 216 -27.94 -24.43 -20.50
N ARG A 217 -27.72 -23.96 -19.28
CA ARG A 217 -28.81 -23.53 -18.41
C ARG A 217 -29.31 -22.14 -18.77
N LYS A 218 -28.83 -21.57 -19.88
CA LYS A 218 -29.27 -20.24 -20.34
C LYS A 218 -29.02 -19.20 -19.26
N VAL A 219 -27.82 -19.24 -18.67
CA VAL A 219 -27.46 -18.26 -17.65
C VAL A 219 -27.53 -16.84 -18.19
N PRO A 220 -27.00 -16.54 -19.37
CA PRO A 220 -27.13 -15.16 -19.89
C PRO A 220 -28.56 -14.68 -20.01
N MET A 221 -29.49 -15.58 -20.37
CA MET A 221 -30.89 -15.21 -20.47
C MET A 221 -31.41 -14.58 -19.17
N TRP A 222 -31.12 -15.20 -18.03
CA TRP A 222 -31.58 -14.69 -16.75
C TRP A 222 -30.61 -13.72 -16.11
N LEU A 223 -29.42 -13.56 -16.66
CA LEU A 223 -28.55 -12.46 -16.25
C LEU A 223 -29.00 -11.16 -16.90
N PHE A 224 -29.59 -11.23 -18.08
CA PHE A 224 -30.06 -10.01 -18.75
C PHE A 224 -31.03 -9.21 -17.89
N PRO A 225 -32.05 -9.79 -17.25
CA PRO A 225 -32.92 -9.00 -16.37
C PRO A 225 -32.19 -8.32 -15.24
N LEU A 226 -31.03 -8.84 -14.82
CA LEU A 226 -30.26 -8.25 -13.73
C LEU A 226 -29.32 -7.14 -14.21
N ALA A 227 -28.71 -7.29 -15.39
CA ALA A 227 -27.79 -6.28 -15.87
C ALA A 227 -28.50 -4.94 -16.07
N PHE A 228 -29.79 -4.96 -16.38
CA PHE A 228 -30.55 -3.74 -16.63
C PHE A 228 -31.25 -3.23 -15.37
N HIS A 229 -30.88 -3.76 -14.22
CA HIS A 229 -31.43 -3.28 -12.95
C HIS A 229 -30.90 -1.88 -12.65
N ASN A 230 -31.72 -1.09 -11.95
CA ASN A 230 -31.30 0.24 -11.56
C ASN A 230 -30.25 0.19 -10.46
N ASP A 231 -30.42 -0.72 -9.51
CA ASP A 231 -29.43 -0.87 -8.45
C ASP A 231 -28.06 -1.17 -9.05
N ASP A 232 -27.07 -0.36 -8.69
CA ASP A 232 -25.78 -0.44 -9.35
C ASP A 232 -25.04 -1.74 -9.02
N ASN A 233 -25.25 -2.27 -7.81
CA ASN A 233 -24.55 -3.50 -7.43
C ASN A 233 -24.96 -4.67 -8.32
N ILE A 234 -26.27 -4.87 -8.50
CA ILE A 234 -26.77 -5.95 -9.34
C ILE A 234 -26.23 -5.83 -10.76
N LYS A 235 -26.35 -4.64 -11.35
CA LYS A 235 -25.85 -4.43 -12.70
C LYS A 235 -24.36 -4.75 -12.77
N TYR A 236 -23.59 -4.23 -11.80
CA TYR A 236 -22.15 -4.43 -11.83
C TYR A 236 -21.80 -5.91 -11.83
N TYR A 237 -22.35 -6.66 -10.88
CA TYR A 237 -21.93 -8.05 -10.76
C TYR A 237 -22.51 -8.94 -11.85
N ALA A 238 -23.69 -8.61 -12.38
CA ALA A 238 -24.20 -9.36 -13.52
C ALA A 238 -23.32 -9.13 -14.74
N CYS A 239 -23.02 -7.87 -15.04
CA CYS A 239 -22.12 -7.57 -16.14
C CYS A 239 -20.76 -8.22 -15.92
N LEU A 240 -20.33 -8.31 -14.66
CA LEU A 240 -19.04 -8.93 -14.36
C LEU A 240 -19.07 -10.42 -14.69
N ALA A 241 -20.14 -11.12 -14.33
CA ALA A 241 -20.27 -12.51 -14.71
C ALA A 241 -20.26 -12.66 -16.23
N ILE A 242 -20.96 -11.76 -16.94
CA ILE A 242 -21.02 -11.84 -18.40
C ILE A 242 -19.63 -11.61 -19.00
N ALA A 243 -18.89 -10.65 -18.45
CA ALA A 243 -17.54 -10.38 -18.94
C ALA A 243 -16.63 -11.57 -18.71
N VAL A 244 -16.68 -12.16 -17.50
CA VAL A 244 -15.90 -13.35 -17.23
C VAL A 244 -16.26 -14.45 -18.22
N LEU A 245 -17.51 -14.48 -18.67
CA LEU A 245 -17.95 -15.56 -19.54
C LEU A 245 -17.52 -15.36 -20.99
N VAL A 246 -17.47 -14.10 -21.48
CA VAL A 246 -17.00 -13.91 -22.85
C VAL A 246 -15.52 -14.25 -22.99
N ALA A 247 -14.76 -14.21 -21.90
CA ALA A 247 -13.34 -14.54 -21.96
C ALA A 247 -13.11 -15.96 -22.45
N ASN A 248 -14.03 -16.87 -22.12
CA ASN A 248 -13.97 -18.24 -22.66
C ASN A 248 -14.33 -18.16 -24.14
N LYS A 249 -13.35 -18.46 -25.00
CA LYS A 249 -13.51 -18.28 -26.44
C LYS A 249 -14.48 -19.26 -27.08
N GLU A 250 -14.92 -20.28 -26.33
CA GLU A 250 -15.88 -21.25 -26.87
C GLU A 250 -17.32 -20.76 -26.80
N ILE A 251 -17.65 -19.93 -25.81
CA ILE A 251 -19.00 -19.45 -25.59
C ILE A 251 -19.14 -17.95 -25.87
N GLU A 252 -18.11 -17.32 -26.42
CA GLU A 252 -18.14 -15.89 -26.68
C GLU A 252 -19.42 -15.47 -27.42
N ALA A 253 -19.75 -16.16 -28.52
CA ALA A 253 -20.90 -15.77 -29.33
C ALA A 253 -22.20 -15.80 -28.53
N GLU A 254 -22.45 -16.91 -27.83
CA GLU A 254 -23.71 -17.03 -27.10
C GLU A 254 -23.80 -16.00 -25.98
N VAL A 255 -22.66 -15.58 -25.43
CA VAL A 255 -22.69 -14.57 -24.39
C VAL A 255 -22.82 -13.19 -25.02
N LEU A 256 -22.41 -13.03 -26.27
CA LEU A 256 -22.55 -11.77 -26.99
C LEU A 256 -23.96 -11.58 -27.52
N LYS A 257 -24.76 -12.65 -27.54
CA LYS A 257 -26.17 -12.52 -27.92
C LYS A 257 -27.01 -11.89 -26.83
N SER A 258 -26.54 -11.90 -25.58
CA SER A 258 -27.28 -11.30 -24.48
C SER A 258 -27.58 -9.83 -24.76
N GLY A 259 -26.56 -9.04 -25.02
CA GLY A 259 -26.74 -7.61 -25.21
C GLY A 259 -26.22 -6.77 -24.07
N CYS A 260 -25.86 -7.40 -22.95
CA CYS A 260 -25.58 -6.70 -21.71
C CYS A 260 -24.20 -6.04 -21.67
N LEU A 261 -23.26 -6.47 -22.51
CA LEU A 261 -21.96 -5.82 -22.53
C LEU A 261 -22.04 -4.40 -23.06
N ASP A 262 -23.05 -4.08 -23.86
CA ASP A 262 -23.23 -2.72 -24.36
C ASP A 262 -23.65 -1.76 -23.26
N LEU A 263 -23.82 -2.25 -22.04
CA LEU A 263 -24.11 -1.42 -20.87
C LEU A 263 -22.88 -1.16 -20.02
N VAL A 264 -21.71 -1.66 -20.43
CA VAL A 264 -20.50 -1.51 -19.63
C VAL A 264 -19.90 -0.12 -19.81
N GLU A 265 -19.71 0.31 -21.06
CA GLU A 265 -19.04 1.58 -21.31
C GLU A 265 -19.74 2.76 -20.62
N PRO A 266 -21.07 2.89 -20.69
CA PRO A 266 -21.71 3.99 -19.96
C PRO A 266 -21.52 3.90 -18.46
N PHE A 267 -21.40 2.67 -17.92
CA PHE A 267 -21.29 2.51 -16.48
C PHE A 267 -19.91 2.94 -15.97
N VAL A 268 -18.83 2.45 -16.59
CA VAL A 268 -17.50 2.77 -16.11
C VAL A 268 -17.19 4.24 -16.32
N THR A 269 -17.75 4.84 -17.36
CA THR A 269 -17.48 6.24 -17.66
C THR A 269 -18.30 7.21 -16.82
N SER A 270 -19.34 6.73 -16.13
CA SER A 270 -20.18 7.58 -15.30
C SER A 270 -20.10 7.25 -13.81
N HIS A 271 -19.33 6.25 -13.41
CA HIS A 271 -19.24 5.83 -12.02
C HIS A 271 -17.85 6.11 -11.47
N ASP A 272 -17.79 6.55 -10.21
CA ASP A 272 -16.54 6.89 -9.57
C ASP A 272 -15.92 5.65 -8.95
N PRO A 273 -14.76 5.17 -9.43
CA PRO A 273 -14.19 3.94 -8.87
C PRO A 273 -14.01 3.97 -7.36
N SER A 274 -13.66 5.12 -6.78
CA SER A 274 -13.46 5.18 -5.33
C SER A 274 -14.79 5.15 -4.59
N ALA A 275 -15.78 5.88 -5.10
CA ALA A 275 -17.09 5.94 -4.44
C ALA A 275 -17.86 4.63 -4.62
N PHE A 276 -17.78 4.02 -5.79
CA PHE A 276 -18.41 2.73 -5.98
C PHE A 276 -17.79 1.66 -5.08
N ALA A 277 -16.51 1.83 -4.73
CA ALA A 277 -15.88 0.92 -3.79
C ALA A 277 -16.41 1.14 -2.38
N ARG A 278 -16.61 2.41 -2.00
CA ARG A 278 -17.11 2.72 -0.67
C ARG A 278 -18.52 2.17 -0.45
N SER A 279 -19.34 2.12 -1.51
CA SER A 279 -20.67 1.54 -1.37
C SER A 279 -20.62 0.02 -1.28
N ASN A 280 -19.68 -0.61 -2.00
CA ASN A 280 -19.61 -2.07 -2.07
C ASN A 280 -18.17 -2.53 -1.93
N LEU A 281 -17.98 -3.64 -1.21
CA LEU A 281 -16.67 -4.30 -1.05
C LEU A 281 -15.59 -3.35 -0.50
N ALA A 282 -15.98 -2.34 0.27
CA ALA A 282 -15.03 -1.51 1.01
C ALA A 282 -15.07 -1.78 2.50
N HIS A 283 -16.28 -1.86 3.07
CA HIS A 283 -16.42 -2.35 4.44
C HIS A 283 -15.64 -3.64 4.62
N ALA A 284 -15.88 -4.61 3.73
CA ALA A 284 -15.00 -5.75 3.58
C ALA A 284 -13.76 -5.34 2.81
N HIS A 285 -12.64 -5.98 3.13
CA HIS A 285 -11.36 -5.62 2.53
C HIS A 285 -11.27 -6.13 1.09
N GLY A 286 -12.17 -5.62 0.26
CA GLY A 286 -12.21 -6.02 -1.13
C GLY A 286 -12.47 -7.50 -1.29
N GLN A 287 -12.27 -7.95 -2.53
CA GLN A 287 -12.33 -9.36 -2.86
C GLN A 287 -11.03 -10.06 -2.47
N SER A 288 -11.08 -11.39 -2.45
CA SER A 288 -9.91 -12.18 -2.09
C SER A 288 -8.87 -12.13 -3.21
N LYS A 289 -7.64 -12.53 -2.86
CA LYS A 289 -6.59 -12.62 -3.86
C LYS A 289 -6.88 -13.71 -4.89
N HIS A 290 -7.59 -14.77 -4.49
CA HIS A 290 -7.93 -15.84 -5.43
C HIS A 290 -9.06 -15.43 -6.37
N TRP A 291 -10.06 -14.72 -5.85
CA TRP A 291 -11.08 -14.12 -6.71
C TRP A 291 -10.44 -13.24 -7.79
N LEU A 292 -9.53 -12.36 -7.38
CA LEU A 292 -8.86 -11.49 -8.34
C LEU A 292 -7.95 -12.29 -9.26
N LYS A 293 -7.37 -13.39 -8.77
CA LYS A 293 -6.57 -14.24 -9.65
C LYS A 293 -7.44 -14.83 -10.76
N ARG A 294 -8.65 -15.26 -10.41
CA ARG A 294 -9.57 -15.71 -11.45
C ARG A 294 -9.92 -14.59 -12.41
N LEU A 295 -10.00 -13.35 -11.92
CA LEU A 295 -10.38 -12.25 -12.80
C LEU A 295 -9.24 -11.82 -13.73
N VAL A 296 -7.98 -12.00 -13.32
CA VAL A 296 -6.85 -11.51 -14.11
C VAL A 296 -6.96 -11.87 -15.59
N PRO A 297 -7.24 -13.11 -15.97
CA PRO A 297 -7.27 -13.44 -17.40
C PRO A 297 -8.36 -12.72 -18.19
N VAL A 298 -9.26 -12.01 -17.53
CA VAL A 298 -10.25 -11.22 -18.26
C VAL A 298 -9.60 -9.98 -18.87
N LEU A 299 -8.54 -9.46 -18.23
CA LEU A 299 -7.83 -8.31 -18.77
C LEU A 299 -7.26 -8.58 -20.16
N SER A 300 -7.08 -9.84 -20.53
CA SER A 300 -6.57 -10.20 -21.84
C SER A 300 -7.61 -10.93 -22.67
N SER A 301 -8.71 -10.25 -23.00
CA SER A 301 -9.81 -10.83 -23.76
C SER A 301 -9.97 -10.11 -25.09
N ASN A 302 -10.82 -10.69 -25.95
CA ASN A 302 -11.07 -10.11 -27.26
C ASN A 302 -11.96 -8.87 -27.18
N ARG A 303 -12.85 -8.83 -26.19
CA ARG A 303 -13.88 -7.81 -26.11
C ARG A 303 -13.37 -6.59 -25.37
N GLU A 304 -13.65 -5.41 -25.94
CA GLU A 304 -13.27 -4.16 -25.28
C GLU A 304 -14.00 -3.98 -23.96
N GLU A 305 -15.28 -4.34 -23.92
CA GLU A 305 -16.07 -4.11 -22.71
C GLU A 305 -15.59 -4.98 -21.57
N ALA A 306 -15.21 -6.22 -21.86
CA ALA A 306 -14.69 -7.10 -20.82
C ALA A 306 -13.45 -6.50 -20.17
N ARG A 307 -12.51 -6.00 -20.98
CA ARG A 307 -11.31 -5.40 -20.42
C ARG A 307 -11.65 -4.11 -19.68
N ASN A 308 -12.63 -3.34 -20.18
CA ASN A 308 -13.03 -2.12 -19.48
C ASN A 308 -13.50 -2.45 -18.08
N LEU A 309 -14.37 -3.45 -17.95
CA LEU A 309 -14.93 -3.76 -16.64
C LEU A 309 -13.88 -4.37 -15.71
N ALA A 310 -13.04 -5.27 -16.24
CA ALA A 310 -11.99 -5.84 -15.40
C ALA A 310 -11.03 -4.77 -14.92
N ALA A 311 -10.61 -3.87 -15.81
CA ALA A 311 -9.77 -2.75 -15.41
C ALA A 311 -10.45 -1.90 -14.34
N PHE A 312 -11.72 -1.56 -14.54
CA PHE A 312 -12.47 -0.81 -13.54
C PHE A 312 -12.37 -1.49 -12.17
N HIS A 313 -12.61 -2.80 -12.14
CA HIS A 313 -12.60 -3.51 -10.87
C HIS A 313 -11.20 -3.51 -10.27
N PHE A 314 -10.16 -3.64 -11.09
CA PHE A 314 -8.81 -3.68 -10.56
C PHE A 314 -8.39 -2.31 -10.04
N CYS A 315 -8.80 -1.24 -10.71
CA CYS A 315 -8.57 0.10 -10.20
C CYS A 315 -9.27 0.32 -8.87
N MET A 316 -10.42 -0.33 -8.67
CA MET A 316 -11.10 -0.27 -7.38
C MET A 316 -10.34 -1.04 -6.30
N GLU A 317 -9.99 -2.29 -6.60
CA GLU A 317 -9.33 -3.14 -5.64
C GLU A 317 -7.95 -2.63 -5.29
N ALA A 318 -7.30 -1.92 -6.22
CA ALA A 318 -5.97 -1.39 -5.94
C ALA A 318 -6.02 -0.33 -4.85
N GLY A 319 -6.97 0.59 -4.96
CA GLY A 319 -7.13 1.59 -3.92
C GLY A 319 -7.48 0.97 -2.58
N ILE A 320 -8.40 -0.01 -2.59
CA ILE A 320 -8.74 -0.66 -1.33
C ILE A 320 -7.52 -1.33 -0.71
N LYS A 321 -6.84 -2.16 -1.50
CA LYS A 321 -5.68 -2.89 -1.01
C LYS A 321 -4.59 -1.94 -0.54
N ARG A 322 -4.45 -0.79 -1.21
CA ARG A 322 -3.47 0.20 -0.75
C ARG A 322 -3.88 0.74 0.61
N GLU A 323 -5.17 1.02 0.82
CA GLU A 323 -5.59 1.45 2.14
C GLU A 323 -5.23 0.40 3.20
N GLN A 324 -5.38 -0.89 2.87
CA GLN A 324 -5.05 -1.94 3.82
C GLN A 324 -3.61 -2.44 3.73
N GLY A 325 -2.78 -1.84 2.88
CA GLY A 325 -1.39 -2.22 2.80
C GLY A 325 -1.10 -3.57 2.18
N ASN A 326 -2.09 -4.23 1.60
CA ASN A 326 -1.89 -5.51 0.93
C ASN A 326 -1.84 -5.34 -0.58
N THR A 327 -0.97 -4.46 -1.09
CA THR A 327 -0.89 -4.23 -2.53
C THR A 327 -0.07 -5.29 -3.24
N ASP A 328 0.95 -5.85 -2.59
CA ASP A 328 1.79 -6.85 -3.23
C ASP A 328 0.97 -8.03 -3.77
N ILE A 329 -0.28 -8.18 -3.33
CA ILE A 329 -1.15 -9.23 -3.86
C ILE A 329 -1.10 -9.26 -5.38
N PHE A 330 -1.20 -8.09 -6.02
CA PHE A 330 -1.32 -8.04 -7.47
C PHE A 330 -0.09 -8.63 -8.16
N ARG A 331 1.04 -8.70 -7.47
CA ARG A 331 2.22 -9.36 -8.02
C ARG A 331 2.19 -10.86 -7.79
N GLU A 332 1.66 -11.30 -6.64
CA GLU A 332 1.59 -12.72 -6.35
C GLU A 332 0.68 -13.46 -7.32
N ILE A 333 -0.22 -12.74 -7.99
CA ILE A 333 -1.16 -13.32 -8.95
C ILE A 333 -0.79 -12.96 -10.38
N ASN A 334 0.40 -12.41 -10.61
CA ASN A 334 0.86 -12.08 -11.95
C ASN A 334 -0.15 -11.18 -12.67
N ALA A 335 -0.83 -10.32 -11.91
CA ALA A 335 -1.73 -9.34 -12.51
C ALA A 335 -0.99 -8.15 -13.09
N ILE A 336 0.25 -7.91 -12.63
CA ILE A 336 0.98 -6.72 -13.05
C ILE A 336 1.24 -6.75 -14.54
N GLU A 337 1.64 -7.92 -15.07
CA GLU A 337 1.91 -8.01 -16.50
C GLU A 337 0.67 -7.61 -17.30
N ALA A 338 -0.48 -8.18 -16.94
CA ALA A 338 -1.72 -7.87 -17.67
C ALA A 338 -2.12 -6.42 -17.49
N LEU A 339 -1.97 -5.88 -16.27
CA LEU A 339 -2.29 -4.47 -16.05
C LEU A 339 -1.43 -3.58 -16.93
N LYS A 340 -0.14 -3.89 -17.06
CA LYS A 340 0.72 -3.08 -17.92
C LYS A 340 0.32 -3.22 -19.38
N ASN A 341 0.11 -4.46 -19.84
CA ASN A 341 -0.30 -4.66 -21.22
C ASN A 341 -1.58 -3.89 -21.53
N VAL A 342 -2.47 -3.75 -20.56
CA VAL A 342 -3.72 -3.02 -20.79
C VAL A 342 -3.49 -1.52 -20.74
N ALA A 343 -2.66 -1.05 -19.80
CA ALA A 343 -2.31 0.36 -19.75
C ALA A 343 -1.58 0.81 -21.00
N SER A 344 -1.00 -0.13 -21.75
CA SER A 344 -0.35 0.20 -23.00
C SER A 344 -1.33 0.26 -24.17
N CYS A 345 -2.35 -0.60 -24.17
CA CYS A 345 -3.22 -0.76 -25.34
C CYS A 345 -3.85 0.57 -25.76
N PRO A 346 -4.40 0.63 -26.98
CA PRO A 346 -4.99 1.89 -27.46
C PRO A 346 -6.21 2.34 -26.68
N ASN A 347 -7.13 1.41 -26.42
CA ASN A 347 -8.37 1.71 -25.71
C ASN A 347 -8.09 2.54 -24.47
N ALA A 348 -8.60 3.77 -24.46
CA ALA A 348 -8.31 4.70 -23.37
C ALA A 348 -9.21 4.46 -22.16
N ILE A 349 -10.35 3.82 -22.33
CA ILE A 349 -11.21 3.50 -21.18
C ILE A 349 -10.43 2.62 -20.20
N ALA A 350 -9.81 1.56 -20.72
CA ALA A 350 -9.08 0.62 -19.88
C ALA A 350 -7.67 1.09 -19.58
N SER A 351 -7.10 1.94 -20.43
CA SER A 351 -5.74 2.39 -20.21
C SER A 351 -5.64 3.27 -18.99
N LYS A 352 -6.57 4.22 -18.82
CA LYS A 352 -6.55 5.07 -17.64
C LYS A 352 -6.78 4.27 -16.36
N PHE A 353 -7.71 3.31 -16.40
CA PHE A 353 -8.00 2.54 -15.20
C PHE A 353 -6.81 1.66 -14.81
N ALA A 354 -6.27 0.91 -15.78
CA ALA A 354 -5.13 0.06 -15.47
C ALA A 354 -3.94 0.88 -15.00
N ALA A 355 -3.72 2.06 -15.60
CA ALA A 355 -2.60 2.90 -15.18
C ALA A 355 -2.79 3.41 -13.76
N GLN A 356 -3.98 3.92 -13.45
CA GLN A 356 -4.26 4.38 -12.08
C GLN A 356 -4.11 3.23 -11.09
N ALA A 357 -4.51 2.02 -11.49
CA ALA A 357 -4.32 0.87 -10.62
C ALA A 357 -2.84 0.59 -10.37
N LEU A 358 -2.03 0.66 -11.43
CA LEU A 358 -0.60 0.41 -11.28
C LEU A 358 0.06 1.46 -10.40
N ARG A 359 -0.38 2.71 -10.48
CA ARG A 359 0.19 3.74 -9.61
C ARG A 359 -0.21 3.52 -8.15
N LEU A 360 -1.39 2.95 -7.91
CA LEU A 360 -1.84 2.64 -6.55
C LEU A 360 -1.18 1.38 -5.98
N ILE A 361 -0.25 0.78 -6.72
CA ILE A 361 0.49 -0.39 -6.28
C ILE A 361 1.98 -0.08 -6.17
N GLY A 362 2.53 0.58 -7.18
CA GLY A 362 3.95 0.93 -7.22
C GLY A 362 4.42 1.18 -8.63
N ALA B 12 -22.31 38.28 -25.13
CA ALA B 12 -22.56 36.90 -24.73
C ALA B 12 -21.26 36.07 -24.74
N GLY B 13 -20.95 35.47 -25.88
CA GLY B 13 -19.82 34.57 -26.00
C GLY B 13 -18.59 35.09 -26.74
N SER B 14 -18.18 36.33 -26.48
CA SER B 14 -17.07 36.95 -27.20
C SER B 14 -15.94 37.27 -26.23
N GLY B 15 -14.71 37.26 -26.73
CA GLY B 15 -13.53 37.38 -25.88
C GLY B 15 -12.31 38.07 -26.44
N GLN B 16 -12.44 39.33 -26.89
CA GLN B 16 -11.30 40.06 -27.41
C GLN B 16 -11.44 41.58 -27.26
N GLN B 17 -12.25 42.08 -26.32
CA GLN B 17 -12.51 43.50 -26.18
C GLN B 17 -12.52 43.88 -24.71
N GLU B 18 -12.72 45.17 -24.43
CA GLU B 18 -12.96 45.68 -23.08
C GLU B 18 -14.43 46.01 -22.89
N ILE B 19 -15.23 44.98 -22.60
CA ILE B 19 -16.69 45.09 -22.52
C ILE B 19 -17.12 44.69 -21.10
N GLU B 20 -17.33 45.68 -20.25
CA GLU B 20 -17.93 45.50 -18.93
C GLU B 20 -19.44 45.65 -18.96
N GLN B 21 -20.00 46.09 -20.08
CA GLN B 21 -21.45 46.10 -20.24
C GLN B 21 -22.03 44.70 -20.10
N THR B 22 -21.28 43.68 -20.52
CA THR B 22 -21.75 42.31 -20.32
C THR B 22 -21.71 41.93 -18.85
N ILE B 23 -20.66 42.37 -18.14
CA ILE B 23 -20.62 42.19 -16.68
C ILE B 23 -21.88 42.77 -16.05
N ASN B 24 -22.22 44.00 -16.41
CA ASN B 24 -23.37 44.66 -15.78
C ASN B 24 -24.68 43.94 -16.13
N LYS B 25 -24.87 43.62 -17.41
CA LYS B 25 -26.09 42.92 -17.81
C LYS B 25 -26.26 41.63 -17.03
N TYR B 26 -25.24 40.77 -17.04
CA TYR B 26 -25.39 39.47 -16.42
C TYR B 26 -25.41 39.56 -14.90
N SER B 27 -24.79 40.59 -14.31
CA SER B 27 -24.91 40.78 -12.86
C SER B 27 -26.34 41.14 -12.48
N ASN B 28 -26.95 42.05 -13.22
CA ASN B 28 -28.34 42.39 -12.92
C ASN B 28 -29.27 41.20 -13.16
N MET B 29 -29.02 40.45 -14.24
CA MET B 29 -29.78 39.23 -14.49
C MET B 29 -29.66 38.25 -13.34
N LEU B 30 -28.43 38.04 -12.84
CA LEU B 30 -28.20 37.11 -11.75
C LEU B 30 -28.94 37.56 -10.49
N THR B 31 -28.85 38.84 -10.15
CA THR B 31 -29.52 39.31 -8.94
C THR B 31 -31.03 39.19 -9.07
N SER B 32 -31.56 39.43 -10.27
CA SER B 32 -32.99 39.25 -10.48
C SER B 32 -33.40 37.80 -10.29
N ILE B 33 -32.62 36.87 -10.85
CA ILE B 33 -32.94 35.45 -10.68
C ILE B 33 -32.87 35.06 -9.20
N VAL B 34 -31.89 35.61 -8.47
CA VAL B 34 -31.77 35.31 -7.05
C VAL B 34 -32.99 35.80 -6.29
N SER B 35 -33.53 36.95 -6.71
CA SER B 35 -34.72 37.49 -6.08
C SER B 35 -35.93 36.57 -6.19
N SER B 36 -35.88 35.54 -7.05
CA SER B 36 -37.01 34.62 -7.21
C SER B 36 -37.21 33.69 -6.02
N LEU B 37 -36.38 33.76 -4.99
CA LEU B 37 -36.59 32.97 -3.78
C LEU B 37 -38.01 33.18 -3.25
N GLN B 38 -38.52 32.19 -2.52
CA GLN B 38 -39.85 32.29 -1.93
C GLN B 38 -39.76 32.35 -0.40
N TYR B 59 -36.07 25.13 -10.10
CA TYR B 59 -34.64 25.10 -9.81
C TYR B 59 -33.85 24.78 -11.07
N LEU B 60 -33.83 25.73 -12.01
CA LEU B 60 -33.07 25.55 -13.24
C LEU B 60 -31.58 25.79 -13.02
N GLU B 61 -31.22 26.70 -12.10
CA GLU B 61 -29.82 26.94 -11.74
C GLU B 61 -28.91 27.07 -12.95
N LYS B 62 -29.37 27.80 -13.97
CA LYS B 62 -28.46 28.18 -15.04
C LYS B 62 -27.45 29.23 -14.59
N ILE B 63 -27.56 29.74 -13.36
CA ILE B 63 -26.53 30.63 -12.83
C ILE B 63 -25.18 29.92 -12.83
N ASN B 64 -25.18 28.62 -12.55
CA ASN B 64 -23.94 27.86 -12.58
C ASN B 64 -23.40 27.78 -14.00
N GLU B 65 -24.28 27.56 -14.98
CA GLU B 65 -23.84 27.50 -16.37
C GLU B 65 -23.23 28.82 -16.82
N VAL B 66 -23.91 29.93 -16.50
CA VAL B 66 -23.45 31.24 -16.96
C VAL B 66 -22.14 31.62 -16.27
N ILE B 67 -21.97 31.28 -14.99
CA ILE B 67 -20.72 31.62 -14.32
C ILE B 67 -19.59 30.72 -14.81
N ARG B 68 -19.87 29.43 -15.02
CA ARG B 68 -18.88 28.53 -15.62
C ARG B 68 -18.41 29.09 -16.95
N ARG B 69 -19.31 29.69 -17.72
CA ARG B 69 -18.93 30.30 -18.99
C ARG B 69 -18.32 31.70 -18.82
N ALA B 70 -18.56 32.35 -17.68
CA ALA B 70 -17.94 33.64 -17.41
C ALA B 70 -16.45 33.48 -17.10
N TRP B 71 -16.12 32.50 -16.25
CA TRP B 71 -14.71 32.21 -16.00
C TRP B 71 -13.99 31.80 -17.28
N ALA B 72 -14.72 31.34 -18.29
CA ALA B 72 -14.10 30.77 -19.48
C ALA B 72 -13.62 31.80 -20.49
N VAL B 73 -14.06 33.05 -20.37
CA VAL B 73 -13.61 34.11 -21.27
C VAL B 73 -12.09 34.04 -21.37
N PRO B 74 -11.51 34.06 -22.59
CA PRO B 74 -10.07 33.76 -22.73
C PRO B 74 -9.15 34.47 -21.75
N THR B 75 -9.14 35.80 -21.74
CA THR B 75 -8.22 36.56 -20.90
C THR B 75 -8.92 37.35 -19.80
N HIS B 76 -10.12 37.86 -20.08
CA HIS B 76 -10.89 38.67 -19.15
C HIS B 76 -11.75 37.84 -18.22
N GLY B 77 -11.63 36.51 -18.24
CA GLY B 77 -12.48 35.68 -17.43
C GLY B 77 -12.33 35.90 -15.94
N HIS B 78 -11.12 36.23 -15.49
CA HIS B 78 -10.90 36.46 -14.07
C HIS B 78 -11.78 37.58 -13.55
N GLU B 79 -11.79 38.72 -14.25
CA GLU B 79 -12.58 39.87 -13.82
C GLU B 79 -14.06 39.56 -13.83
N LEU B 80 -14.55 38.97 -14.93
CA LEU B 80 -15.96 38.64 -15.02
C LEU B 80 -16.38 37.69 -13.90
N GLY B 81 -15.59 36.65 -13.68
CA GLY B 81 -15.93 35.68 -12.64
C GLY B 81 -15.97 36.30 -11.26
N TYR B 82 -14.94 37.07 -10.92
CA TYR B 82 -14.91 37.66 -9.59
C TYR B 82 -16.05 38.65 -9.39
N SER B 83 -16.33 39.50 -10.39
CA SER B 83 -17.41 40.47 -10.23
C SER B 83 -18.76 39.78 -10.16
N LEU B 84 -18.98 38.73 -10.95
CA LEU B 84 -20.26 38.03 -10.92
C LEU B 84 -20.45 37.28 -9.61
N CYS B 85 -19.38 36.67 -9.08
CA CYS B 85 -19.51 36.00 -7.79
C CYS B 85 -19.72 37.01 -6.67
N ASN B 86 -19.14 38.20 -6.77
CA ASN B 86 -19.45 39.23 -5.78
C ASN B 86 -20.90 39.68 -5.89
N SER B 87 -21.43 39.76 -7.11
CA SER B 87 -22.85 40.07 -7.28
C SER B 87 -23.71 38.99 -6.67
N LEU B 88 -23.28 37.73 -6.79
CA LEU B 88 -23.97 36.62 -6.15
C LEU B 88 -23.97 36.76 -4.64
N ARG B 89 -22.82 37.10 -4.06
CA ARG B 89 -22.73 37.20 -2.61
C ARG B 89 -23.56 38.37 -2.07
N GLN B 90 -23.48 39.53 -2.72
CA GLN B 90 -24.13 40.72 -2.18
C GLN B 90 -25.65 40.69 -2.40
N SER B 91 -26.10 40.03 -3.46
CA SER B 91 -27.52 39.90 -3.77
C SER B 91 -28.23 38.89 -2.87
N GLY B 92 -27.56 38.37 -1.86
CA GLY B 92 -28.13 37.37 -0.99
C GLY B 92 -28.16 35.98 -1.57
N GLY B 93 -27.54 35.75 -2.72
CA GLY B 93 -27.58 34.43 -3.32
C GLY B 93 -26.68 33.42 -2.63
N LEU B 94 -25.60 33.88 -2.01
CA LEU B 94 -24.73 32.97 -1.28
C LEU B 94 -25.45 32.40 -0.06
N ASP B 95 -26.13 33.26 0.70
CA ASP B 95 -26.91 32.78 1.84
C ASP B 95 -27.96 31.77 1.40
N LEU B 96 -28.60 32.00 0.25
CA LEU B 96 -29.62 31.08 -0.23
C LEU B 96 -29.02 29.73 -0.61
N LEU B 97 -27.85 29.73 -1.25
CA LEU B 97 -27.18 28.48 -1.60
C LEU B 97 -26.79 27.71 -0.35
N MET B 98 -26.22 28.39 0.65
CA MET B 98 -25.83 27.72 1.87
C MET B 98 -27.04 27.21 2.64
N LYS B 99 -28.19 27.87 2.48
CA LYS B 99 -29.40 27.42 3.16
C LYS B 99 -29.98 26.20 2.47
N ASN B 100 -30.16 26.27 1.15
CA ASN B 100 -30.78 25.19 0.41
C ASN B 100 -29.78 24.12 -0.02
N CYS B 101 -28.59 24.11 0.55
CA CYS B 101 -27.69 22.97 0.38
C CYS B 101 -27.95 21.87 1.40
N VAL B 102 -28.80 22.13 2.40
CA VAL B 102 -29.29 21.07 3.29
C VAL B 102 -30.62 20.52 2.82
N LYS B 103 -31.21 21.08 1.76
CA LYS B 103 -32.41 20.54 1.14
C LYS B 103 -31.99 19.56 0.04
N PRO B 104 -32.53 18.34 0.01
CA PRO B 104 -31.95 17.33 -0.89
C PRO B 104 -32.07 17.68 -2.36
N ASP B 105 -33.27 18.03 -2.84
CA ASP B 105 -33.47 18.24 -4.28
C ASP B 105 -32.65 19.38 -4.82
N LEU B 106 -32.23 20.33 -3.97
CA LEU B 106 -31.43 21.46 -4.40
C LEU B 106 -29.99 21.36 -3.93
N GLN B 107 -29.56 20.19 -3.47
CA GLN B 107 -28.23 20.04 -2.92
C GLN B 107 -27.20 20.23 -4.02
N PHE B 108 -27.03 19.22 -4.88
CA PHE B 108 -26.00 19.30 -5.91
C PHE B 108 -26.26 20.48 -6.83
N SER B 109 -27.50 20.65 -7.28
CA SER B 109 -27.81 21.76 -8.17
C SER B 109 -27.26 23.07 -7.61
N SER B 110 -27.30 23.22 -6.29
CA SER B 110 -26.76 24.42 -5.66
C SER B 110 -25.27 24.30 -5.39
N ALA B 111 -24.83 23.12 -4.91
CA ALA B 111 -23.43 22.95 -4.56
C ALA B 111 -22.54 23.16 -5.77
N GLN B 112 -23.01 22.73 -6.94
CA GLN B 112 -22.25 22.97 -8.17
C GLN B 112 -21.95 24.45 -8.31
N LEU B 113 -22.97 25.30 -8.14
CA LEU B 113 -22.78 26.73 -8.26
C LEU B 113 -21.87 27.25 -7.16
N LEU B 114 -21.83 26.58 -6.02
CA LEU B 114 -20.96 27.01 -4.95
C LEU B 114 -19.50 26.65 -5.21
N GLU B 115 -19.23 25.62 -6.02
CA GLU B 115 -17.84 25.27 -6.31
C GLU B 115 -17.17 26.29 -7.20
N GLN B 116 -17.93 27.05 -7.99
CA GLN B 116 -17.38 28.00 -8.94
C GLN B 116 -17.40 29.44 -8.43
N CYS B 117 -17.92 29.68 -7.24
CA CYS B 117 -17.93 31.04 -6.67
C CYS B 117 -17.41 31.02 -5.24
N LEU B 118 -16.29 30.34 -5.03
CA LEU B 118 -15.56 30.38 -3.76
C LEU B 118 -14.34 31.29 -3.88
N THR B 119 -14.59 32.54 -4.24
CA THR B 119 -13.55 33.55 -4.25
C THR B 119 -13.15 33.87 -2.80
N THR B 120 -12.24 34.82 -2.65
CA THR B 120 -11.71 35.14 -1.32
C THR B 120 -12.82 35.66 -0.41
N GLU B 121 -13.57 36.66 -0.87
CA GLU B 121 -14.65 37.22 -0.06
C GLU B 121 -15.76 36.20 0.17
N ASN B 122 -16.17 35.50 -0.88
CA ASN B 122 -17.21 34.48 -0.73
C ASN B 122 -16.75 33.37 0.21
N ARG B 123 -15.49 32.96 0.10
CA ARG B 123 -14.98 31.93 1.00
C ARG B 123 -14.98 32.41 2.44
N LYS B 124 -14.60 33.66 2.67
CA LYS B 124 -14.68 34.21 4.03
C LYS B 124 -16.11 34.17 4.54
N HIS B 125 -17.06 34.62 3.71
CA HIS B 125 -18.46 34.61 4.11
C HIS B 125 -18.92 33.20 4.47
N VAL B 126 -18.53 32.21 3.66
CA VAL B 126 -18.92 30.82 3.93
C VAL B 126 -18.33 30.36 5.26
N VAL B 127 -17.03 30.55 5.45
CA VAL B 127 -16.39 30.10 6.69
C VAL B 127 -17.02 30.76 7.90
N ASP B 128 -17.47 32.02 7.77
CA ASP B 128 -18.00 32.72 8.93
C ASP B 128 -19.46 32.40 9.20
N ASN B 129 -20.26 32.19 8.14
CA ASN B 129 -21.71 32.04 8.29
C ASN B 129 -22.21 30.68 7.85
N GLY B 130 -21.37 29.65 7.86
CA GLY B 130 -21.87 28.31 7.62
C GLY B 130 -20.90 27.39 6.91
N LEU B 131 -19.81 27.02 7.60
CA LEU B 131 -18.84 26.09 7.03
C LEU B 131 -19.34 24.66 7.03
N ASP B 132 -20.05 24.27 8.09
CA ASP B 132 -20.45 22.87 8.27
C ASP B 132 -21.31 22.39 7.11
N LYS B 133 -22.28 23.19 6.70
CA LYS B 133 -23.19 22.76 5.64
C LYS B 133 -22.43 22.48 4.35
N VAL B 134 -21.54 23.41 3.97
CA VAL B 134 -20.80 23.27 2.73
C VAL B 134 -19.88 22.06 2.79
N VAL B 135 -19.16 21.91 3.91
CA VAL B 135 -18.24 20.78 4.02
C VAL B 135 -18.99 19.47 3.92
N ASN B 136 -20.15 19.37 4.58
CA ASN B 136 -20.89 18.12 4.59
C ASN B 136 -21.49 17.82 3.21
N VAL B 137 -21.98 18.84 2.51
CA VAL B 137 -22.55 18.58 1.18
C VAL B 137 -21.44 18.17 0.21
N ALA B 138 -20.26 18.76 0.34
CA ALA B 138 -19.13 18.32 -0.49
C ALA B 138 -18.75 16.87 -0.17
N CYS B 139 -18.74 16.52 1.13
CA CYS B 139 -18.39 15.16 1.52
C CYS B 139 -19.39 14.15 0.95
N VAL B 140 -20.68 14.45 1.05
CA VAL B 140 -21.67 13.53 0.51
C VAL B 140 -21.64 13.53 -1.02
N CYS B 141 -21.15 14.62 -1.64
CA CYS B 141 -20.93 14.62 -3.08
C CYS B 141 -19.80 13.67 -3.46
N THR B 142 -18.77 13.58 -2.62
CA THR B 142 -17.69 12.64 -2.91
C THR B 142 -18.09 11.20 -2.62
N LYS B 143 -19.05 10.99 -1.71
CA LYS B 143 -19.44 9.64 -1.32
C LYS B 143 -20.20 8.90 -2.41
N ASN B 144 -20.91 9.63 -3.28
CA ASN B 144 -21.74 9.01 -4.29
C ASN B 144 -20.93 8.73 -5.57
N SER B 145 -21.48 7.85 -6.41
CA SER B 145 -20.74 7.31 -7.54
C SER B 145 -20.72 8.24 -8.75
N ASN B 146 -21.66 9.19 -8.85
CA ASN B 146 -21.65 10.11 -9.98
C ASN B 146 -20.40 10.98 -9.96
N MET B 147 -19.71 11.03 -11.10
CA MET B 147 -18.41 11.70 -11.14
C MET B 147 -18.55 13.22 -11.02
N GLU B 148 -19.57 13.80 -11.64
CA GLU B 148 -19.73 15.24 -11.57
C GLU B 148 -19.86 15.71 -10.13
N HIS B 149 -20.62 14.97 -9.32
CA HIS B 149 -20.73 15.30 -7.90
C HIS B 149 -19.38 15.20 -7.21
N SER B 150 -18.59 14.18 -7.56
CA SER B 150 -17.29 14.04 -6.94
C SER B 150 -16.36 15.20 -7.30
N ARG B 151 -16.40 15.62 -8.57
CA ARG B 151 -15.64 16.80 -8.97
C ARG B 151 -16.06 18.01 -8.16
N VAL B 152 -17.37 18.23 -8.06
CA VAL B 152 -17.87 19.40 -7.33
C VAL B 152 -17.40 19.36 -5.88
N GLY B 153 -17.48 18.20 -5.24
CA GLY B 153 -17.12 18.11 -3.83
C GLY B 153 -15.63 18.32 -3.60
N THR B 154 -14.79 17.67 -4.41
CA THR B 154 -13.36 17.87 -4.24
C THR B 154 -12.98 19.32 -4.52
N GLY B 155 -13.63 19.95 -5.48
CA GLY B 155 -13.36 21.36 -5.74
C GLY B 155 -13.77 22.24 -4.57
N ILE B 156 -14.92 21.97 -3.98
CA ILE B 156 -15.35 22.73 -2.80
C ILE B 156 -14.32 22.61 -1.69
N LEU B 157 -13.86 21.38 -1.43
CA LEU B 157 -12.88 21.19 -0.36
C LEU B 157 -11.56 21.88 -0.69
N GLU B 158 -11.07 21.73 -1.93
CA GLU B 158 -9.87 22.43 -2.37
C GLU B 158 -9.98 23.93 -2.07
N HIS B 159 -11.05 24.56 -2.56
CA HIS B 159 -11.20 25.99 -2.36
C HIS B 159 -11.29 26.34 -0.88
N LEU B 160 -11.90 25.46 -0.07
CA LEU B 160 -12.02 25.75 1.35
C LEU B 160 -10.71 25.58 2.11
N PHE B 161 -9.74 24.86 1.55
CA PHE B 161 -8.44 24.70 2.20
C PHE B 161 -7.50 25.90 2.01
N LYS B 162 -7.98 27.02 1.48
CA LYS B 162 -7.11 28.17 1.27
C LYS B 162 -7.50 29.33 2.17
N HIS B 163 -7.71 29.08 3.47
CA HIS B 163 -8.19 30.13 4.36
C HIS B 163 -7.28 30.34 5.56
N SER B 164 -7.17 29.40 6.48
CA SER B 164 -6.39 29.64 7.69
C SER B 164 -6.11 28.31 8.39
N GLU B 165 -5.21 28.37 9.38
CA GLU B 165 -4.94 27.19 10.20
C GLU B 165 -6.19 26.73 10.92
N GLY B 166 -6.95 27.65 11.50
CA GLY B 166 -8.16 27.27 12.19
C GLY B 166 -9.18 26.64 11.25
N THR B 167 -9.39 27.26 10.09
CA THR B 167 -10.35 26.74 9.13
C THR B 167 -9.91 25.39 8.59
N CYS B 168 -8.61 25.22 8.34
CA CYS B 168 -8.14 23.92 7.88
C CYS B 168 -8.37 22.86 8.93
N SER B 169 -8.08 23.17 10.20
CA SER B 169 -8.34 22.21 11.27
C SER B 169 -9.82 21.85 11.33
N ASP B 170 -10.70 22.85 11.23
CA ASP B 170 -12.13 22.59 11.31
C ASP B 170 -12.61 21.72 10.16
N VAL B 171 -12.12 21.99 8.94
CA VAL B 171 -12.53 21.18 7.80
C VAL B 171 -12.00 19.76 7.93
N ILE B 172 -10.80 19.61 8.50
CA ILE B 172 -10.26 18.27 8.73
C ILE B 172 -11.15 17.49 9.70
N ARG B 173 -11.60 18.15 10.77
CA ARG B 173 -12.47 17.48 11.74
C ARG B 173 -13.77 17.04 11.10
N LEU B 174 -14.34 17.86 10.22
CA LEU B 174 -15.60 17.54 9.56
C LEU B 174 -15.45 16.50 8.46
N GLY B 175 -14.25 15.96 8.25
CA GLY B 175 -14.08 14.84 7.35
C GLY B 175 -13.76 15.21 5.92
N GLY B 176 -13.17 16.38 5.69
CA GLY B 176 -12.82 16.79 4.34
C GLY B 176 -11.54 16.14 3.84
N LEU B 177 -10.52 16.11 4.71
CA LEU B 177 -9.29 15.44 4.34
C LEU B 177 -9.55 13.98 3.98
N ASP B 178 -10.42 13.32 4.75
CA ASP B 178 -10.79 11.94 4.45
C ASP B 178 -11.45 11.84 3.09
N ALA B 179 -12.32 12.80 2.76
CA ALA B 179 -13.02 12.76 1.47
C ALA B 179 -12.03 12.90 0.32
N VAL B 180 -11.10 13.85 0.42
CA VAL B 180 -10.16 14.04 -0.67
C VAL B 180 -9.20 12.84 -0.76
N LEU B 181 -8.84 12.24 0.37
CA LEU B 181 -7.95 11.09 0.32
C LEU B 181 -8.66 9.86 -0.23
N PHE B 182 -9.99 9.78 -0.09
CA PHE B 182 -10.73 8.72 -0.78
C PHE B 182 -10.80 8.99 -2.27
N GLU B 183 -11.02 10.24 -2.66
CA GLU B 183 -11.06 10.58 -4.08
C GLU B 183 -9.68 10.49 -4.74
N CYS B 184 -8.61 10.47 -3.94
CA CYS B 184 -7.28 10.21 -4.48
C CYS B 184 -7.16 8.83 -5.11
N ARG B 185 -8.11 7.93 -4.87
CA ARG B 185 -8.12 6.62 -5.49
C ARG B 185 -8.91 6.59 -6.79
N THR B 186 -9.45 7.73 -7.21
CA THR B 186 -10.34 7.76 -8.35
C THR B 186 -9.53 7.76 -9.64
N SER B 187 -10.24 7.76 -10.77
CA SER B 187 -9.62 7.84 -12.08
C SER B 187 -9.85 9.17 -12.76
N ASP B 188 -10.98 9.83 -12.47
CA ASP B 188 -11.30 11.10 -13.13
C ASP B 188 -10.15 12.09 -12.99
N LEU B 189 -9.89 12.84 -14.06
CA LEU B 189 -8.77 13.77 -14.04
C LEU B 189 -9.11 15.04 -13.28
N GLU B 190 -10.30 15.61 -13.51
CA GLU B 190 -10.67 16.81 -12.78
C GLU B 190 -10.61 16.57 -11.28
N THR B 191 -11.07 15.40 -10.85
CA THR B 191 -11.09 15.08 -9.43
C THR B 191 -9.68 14.95 -8.87
N LEU B 192 -8.78 14.29 -9.60
CA LEU B 192 -7.41 14.15 -9.13
C LEU B 192 -6.67 15.48 -9.12
N ARG B 193 -6.97 16.37 -10.08
CA ARG B 193 -6.36 17.70 -10.07
C ARG B 193 -6.85 18.50 -8.88
N HIS B 194 -8.16 18.48 -8.62
CA HIS B 194 -8.69 19.14 -7.43
C HIS B 194 -8.04 18.58 -6.18
N CYS B 195 -7.81 17.25 -6.13
CA CYS B 195 -7.21 16.64 -4.95
C CYS B 195 -5.77 17.09 -4.74
N ALA B 196 -4.98 17.09 -5.81
CA ALA B 196 -3.60 17.55 -5.69
C ALA B 196 -3.56 18.98 -5.21
N SER B 197 -4.35 19.86 -5.84
CA SER B 197 -4.36 21.25 -5.43
C SER B 197 -4.85 21.41 -4.00
N ALA B 198 -5.81 20.60 -3.57
CA ALA B 198 -6.32 20.69 -2.21
C ALA B 198 -5.26 20.30 -1.19
N LEU B 199 -4.56 19.19 -1.44
CA LEU B 199 -3.52 18.79 -0.50
C LEU B 199 -2.38 19.80 -0.47
N ALA B 200 -2.07 20.43 -1.61
CA ALA B 200 -1.08 21.50 -1.60
C ALA B 200 -1.56 22.68 -0.76
N ASN B 201 -2.81 23.11 -0.97
CA ASN B 201 -3.35 24.21 -0.20
C ASN B 201 -3.33 23.91 1.29
N LEU B 202 -3.58 22.66 1.68
CA LEU B 202 -3.55 22.31 3.09
C LEU B 202 -2.11 22.32 3.62
N SER B 203 -1.19 21.74 2.86
CA SER B 203 0.22 21.80 3.25
C SER B 203 0.68 23.24 3.46
N LEU B 204 0.13 24.18 2.69
CA LEU B 204 0.55 25.57 2.79
C LEU B 204 -0.13 26.29 3.94
N TYR B 205 -1.46 26.16 4.06
CA TYR B 205 -2.24 26.89 5.05
C TYR B 205 -2.41 26.16 6.37
N GLY B 206 -1.84 24.96 6.50
CA GLY B 206 -2.12 24.12 7.64
C GLY B 206 -1.37 24.50 8.91
N GLY B 207 -0.05 24.52 8.83
CA GLY B 207 0.75 24.76 10.02
C GLY B 207 1.41 23.48 10.51
N ALA B 208 1.71 23.42 11.81
CA ALA B 208 2.37 22.25 12.38
C ALA B 208 1.37 21.16 12.77
N GLU B 209 0.36 21.52 13.56
CA GLU B 209 -0.60 20.51 14.01
C GLU B 209 -1.25 19.80 12.83
N ASN B 210 -1.73 20.57 11.85
CA ASN B 210 -2.46 19.97 10.74
C ASN B 210 -1.55 19.18 9.83
N GLN B 211 -0.30 19.62 9.64
CA GLN B 211 0.63 18.83 8.83
C GLN B 211 0.99 17.52 9.52
N GLU B 212 1.13 17.55 10.85
CA GLU B 212 1.29 16.32 11.60
C GLU B 212 0.11 15.38 11.38
N GLU B 213 -1.11 15.91 11.54
CA GLU B 213 -2.29 15.09 11.29
C GLU B 213 -2.27 14.51 9.89
N MET B 214 -1.85 15.30 8.90
CA MET B 214 -1.75 14.81 7.53
C MET B 214 -0.79 13.64 7.45
N ILE B 215 0.37 13.74 8.11
CA ILE B 215 1.30 12.63 8.10
C ILE B 215 0.70 11.41 8.79
N LEU B 216 -0.18 11.63 9.77
CA LEU B 216 -0.87 10.52 10.42
C LEU B 216 -1.89 9.86 9.49
N ARG B 217 -2.55 10.66 8.66
CA ARG B 217 -3.51 10.16 7.68
C ARG B 217 -2.85 9.60 6.43
N LYS B 218 -1.53 9.46 6.42
CA LYS B 218 -0.81 8.86 5.30
C LYS B 218 -0.98 9.68 4.02
N VAL B 219 -0.83 11.00 4.13
CA VAL B 219 -0.95 11.85 2.95
C VAL B 219 0.09 11.49 1.90
N PRO B 220 1.38 11.34 2.23
CA PRO B 220 2.35 10.94 1.19
C PRO B 220 2.02 9.63 0.49
N MET B 221 1.47 8.65 1.21
CA MET B 221 1.09 7.39 0.59
C MET B 221 0.16 7.59 -0.61
N TRP B 222 -0.83 8.48 -0.47
CA TRP B 222 -1.77 8.73 -1.57
C TRP B 222 -1.37 9.91 -2.44
N LEU B 223 -0.34 10.66 -2.06
CA LEU B 223 0.26 11.61 -2.98
C LEU B 223 1.16 10.90 -3.99
N PHE B 224 1.78 9.79 -3.58
CA PHE B 224 2.64 9.05 -4.50
C PHE B 224 1.90 8.62 -5.77
N PRO B 225 0.70 8.03 -5.69
CA PRO B 225 -0.02 7.71 -6.95
C PRO B 225 -0.32 8.92 -7.81
N LEU B 226 -0.42 10.12 -7.22
CA LEU B 226 -0.65 11.34 -7.98
C LEU B 226 0.63 11.96 -8.51
N ALA B 227 1.70 11.90 -7.72
CA ALA B 227 2.96 12.46 -8.17
C ALA B 227 3.46 11.79 -9.44
N PHE B 228 3.08 10.52 -9.65
CA PHE B 228 3.49 9.78 -10.84
C PHE B 228 2.45 9.81 -11.94
N HIS B 229 1.46 10.69 -11.83
CA HIS B 229 0.46 10.83 -12.88
C HIS B 229 1.10 11.43 -14.13
N ASN B 230 0.57 11.06 -15.30
CA ASN B 230 1.10 11.59 -16.55
C ASN B 230 0.71 13.05 -16.71
N ASP B 231 -0.52 13.41 -16.37
CA ASP B 231 -0.96 14.79 -16.47
C ASP B 231 -0.06 15.68 -15.62
N ASP B 232 0.46 16.74 -16.24
CA ASP B 232 1.46 17.57 -15.58
C ASP B 232 0.88 18.34 -14.41
N ASN B 233 -0.39 18.72 -14.46
CA ASN B 233 -0.98 19.50 -13.36
C ASN B 233 -1.00 18.69 -12.08
N ILE B 234 -1.53 17.45 -12.15
CA ILE B 234 -1.62 16.60 -10.98
C ILE B 234 -0.24 16.37 -10.37
N LYS B 235 0.70 15.94 -11.22
CA LYS B 235 2.06 15.69 -10.74
C LYS B 235 2.68 16.93 -10.12
N TYR B 236 2.53 18.08 -10.77
CA TYR B 236 3.12 19.30 -10.25
C TYR B 236 2.60 19.60 -8.85
N TYR B 237 1.28 19.62 -8.67
CA TYR B 237 0.75 20.04 -7.39
C TYR B 237 0.96 18.98 -6.30
N ALA B 238 1.01 17.70 -6.67
CA ALA B 238 1.36 16.67 -5.68
C ALA B 238 2.80 16.82 -5.21
N CYS B 239 3.74 16.98 -6.15
CA CYS B 239 5.12 17.22 -5.79
C CYS B 239 5.27 18.49 -4.97
N LEU B 240 4.46 19.51 -5.27
CA LEU B 240 4.52 20.75 -4.51
C LEU B 240 4.04 20.55 -3.08
N ALA B 241 2.95 19.80 -2.88
CA ALA B 241 2.51 19.49 -1.52
C ALA B 241 3.60 18.73 -0.77
N ILE B 242 4.23 17.77 -1.42
CA ILE B 242 5.29 17.01 -0.75
C ILE B 242 6.47 17.92 -0.41
N ALA B 243 6.82 18.84 -1.31
CA ALA B 243 7.90 19.77 -1.03
C ALA B 243 7.55 20.65 0.17
N VAL B 244 6.33 21.18 0.20
CA VAL B 244 5.90 21.98 1.35
C VAL B 244 5.99 21.15 2.61
N LEU B 245 5.79 19.84 2.52
CA LEU B 245 5.80 19.02 3.72
C LEU B 245 7.21 18.68 4.18
N VAL B 246 8.18 18.51 3.28
CA VAL B 246 9.54 18.26 3.74
C VAL B 246 10.13 19.50 4.40
N ALA B 247 9.64 20.69 4.05
CA ALA B 247 10.15 21.91 4.66
C ALA B 247 9.95 21.88 6.16
N ASN B 248 8.88 21.26 6.63
CA ASN B 248 8.68 21.04 8.06
C ASN B 248 9.69 19.99 8.51
N LYS B 249 10.68 20.42 9.28
CA LYS B 249 11.79 19.54 9.66
C LYS B 249 11.39 18.45 10.63
N GLU B 250 10.19 18.51 11.20
CA GLU B 250 9.75 17.46 12.12
C GLU B 250 9.18 16.25 11.39
N ILE B 251 8.65 16.43 10.18
CA ILE B 251 8.07 15.35 9.40
C ILE B 251 8.92 15.03 8.16
N GLU B 252 10.08 15.67 8.02
CA GLU B 252 10.91 15.48 6.85
C GLU B 252 11.12 14.00 6.54
N ALA B 253 11.59 13.24 7.53
CA ALA B 253 11.87 11.84 7.29
C ALA B 253 10.63 11.11 6.78
N GLU B 254 9.49 11.31 7.44
CA GLU B 254 8.29 10.59 7.03
C GLU B 254 7.85 10.98 5.62
N VAL B 255 8.19 12.20 5.19
CA VAL B 255 7.83 12.58 3.82
C VAL B 255 8.83 12.03 2.82
N LEU B 256 10.07 11.77 3.23
CA LEU B 256 11.05 11.25 2.30
C LEU B 256 10.94 9.75 2.09
N LYS B 257 9.92 9.10 2.65
CA LYS B 257 9.71 7.68 2.40
C LYS B 257 8.92 7.42 1.13
N SER B 258 8.18 8.42 0.64
CA SER B 258 7.41 8.23 -0.58
C SER B 258 8.31 8.14 -1.81
N GLY B 259 9.43 8.86 -1.81
CA GLY B 259 10.29 8.86 -2.97
C GLY B 259 9.84 9.77 -4.08
N CYS B 260 8.91 10.69 -3.81
CA CYS B 260 8.32 11.51 -4.86
C CYS B 260 9.19 12.71 -5.23
N LEU B 261 10.09 13.13 -4.34
CA LEU B 261 10.96 14.25 -4.65
C LEU B 261 11.95 13.90 -5.74
N ASP B 262 12.24 12.61 -5.94
CA ASP B 262 13.15 12.22 -7.00
C ASP B 262 12.59 12.46 -8.38
N LEU B 263 11.35 12.93 -8.46
CA LEU B 263 10.73 13.31 -9.72
C LEU B 263 10.73 14.82 -9.93
N VAL B 264 11.31 15.57 -9.00
CA VAL B 264 11.35 17.03 -9.11
C VAL B 264 12.45 17.48 -10.04
N GLU B 265 13.67 16.96 -9.82
CA GLU B 265 14.80 17.39 -10.64
C GLU B 265 14.57 17.12 -12.11
N PRO B 266 14.09 15.94 -12.53
CA PRO B 266 13.83 15.73 -13.97
C PRO B 266 12.77 16.66 -14.53
N PHE B 267 11.78 17.04 -13.71
CA PHE B 267 10.66 17.83 -14.21
C PHE B 267 11.09 19.27 -14.50
N VAL B 268 11.76 19.93 -13.55
CA VAL B 268 12.13 21.33 -13.76
C VAL B 268 13.15 21.48 -14.87
N THR B 269 13.99 20.47 -15.10
CA THR B 269 15.01 20.57 -16.14
C THR B 269 14.46 20.29 -17.53
N SER B 270 13.24 19.76 -17.66
CA SER B 270 12.66 19.47 -18.96
C SER B 270 11.43 20.33 -19.25
N HIS B 271 11.02 21.20 -18.33
CA HIS B 271 9.83 22.01 -18.50
C HIS B 271 10.20 23.48 -18.55
N ASP B 272 9.53 24.20 -19.45
CA ASP B 272 9.73 25.62 -19.65
C ASP B 272 8.85 26.39 -18.67
N PRO B 273 9.41 27.09 -17.69
CA PRO B 273 8.55 27.80 -16.72
C PRO B 273 7.50 28.69 -17.35
N SER B 274 7.81 29.32 -18.49
CA SER B 274 6.84 30.21 -19.11
C SER B 274 5.71 29.43 -19.80
N ALA B 275 6.05 28.34 -20.49
CA ALA B 275 5.03 27.57 -21.19
C ALA B 275 4.14 26.82 -20.19
N PHE B 276 4.72 26.28 -19.12
CA PHE B 276 3.91 25.66 -18.09
C PHE B 276 3.00 26.68 -17.42
N ALA B 277 3.41 27.95 -17.42
CA ALA B 277 2.56 29.01 -16.90
C ALA B 277 1.40 29.33 -17.85
N ARG B 278 1.65 29.35 -19.16
CA ARG B 278 0.60 29.70 -20.09
C ARG B 278 -0.54 28.68 -20.05
N SER B 279 -0.19 27.39 -19.92
CA SER B 279 -1.20 26.35 -19.82
C SER B 279 -1.84 26.30 -18.44
N ASN B 280 -1.10 26.65 -17.39
CA ASN B 280 -1.56 26.51 -16.02
C ASN B 280 -1.29 27.78 -15.22
N LEU B 281 -2.26 28.13 -14.37
CA LEU B 281 -2.15 29.26 -13.44
C LEU B 281 -1.82 30.57 -14.15
N ALA B 282 -2.24 30.71 -15.40
CA ALA B 282 -2.17 31.97 -16.13
C ALA B 282 -3.53 32.62 -16.34
N HIS B 283 -4.54 31.84 -16.72
CA HIS B 283 -5.90 32.36 -16.76
C HIS B 283 -6.24 33.09 -15.47
N ALA B 284 -6.01 32.43 -14.33
CA ALA B 284 -5.99 33.13 -13.06
C ALA B 284 -4.68 33.89 -12.93
N HIS B 285 -4.74 35.02 -12.25
CA HIS B 285 -3.56 35.88 -12.09
C HIS B 285 -2.62 35.24 -11.08
N GLY B 286 -2.13 34.06 -11.44
CA GLY B 286 -1.29 33.27 -10.58
C GLY B 286 -2.04 32.87 -9.33
N GLN B 287 -1.28 32.36 -8.37
CA GLN B 287 -1.80 32.06 -7.06
C GLN B 287 -1.89 33.34 -6.23
N SER B 288 -2.57 33.25 -5.10
CA SER B 288 -2.73 34.43 -4.27
C SER B 288 -1.40 34.83 -3.64
N LYS B 289 -1.36 36.08 -3.18
CA LYS B 289 -0.18 36.55 -2.45
C LYS B 289 -0.01 35.79 -1.13
N HIS B 290 -1.12 35.37 -0.52
CA HIS B 290 -1.04 34.64 0.75
C HIS B 290 -0.56 33.21 0.53
N TRP B 291 -1.05 32.58 -0.54
CA TRP B 291 -0.53 31.29 -0.98
C TRP B 291 0.98 31.36 -1.16
N LEU B 292 1.47 32.39 -1.86
CA LEU B 292 2.90 32.53 -2.10
C LEU B 292 3.67 32.83 -0.82
N LYS B 293 3.07 33.57 0.13
CA LYS B 293 3.75 33.77 1.40
C LYS B 293 3.90 32.45 2.14
N ARG B 294 2.87 31.60 2.11
CA ARG B 294 3.00 30.28 2.71
C ARG B 294 4.11 29.47 2.03
N LEU B 295 4.30 29.68 0.72
CA LEU B 295 5.32 28.94 0.00
C LEU B 295 6.73 29.47 0.28
N VAL B 296 6.87 30.76 0.58
CA VAL B 296 8.19 31.38 0.72
C VAL B 296 9.15 30.56 1.60
N PRO B 297 8.77 30.13 2.80
CA PRO B 297 9.75 29.42 3.65
C PRO B 297 10.26 28.10 3.08
N VAL B 298 9.70 27.61 1.97
CA VAL B 298 10.24 26.39 1.38
C VAL B 298 11.57 26.67 0.71
N LEU B 299 11.78 27.90 0.24
CA LEU B 299 13.04 28.28 -0.38
C LEU B 299 14.23 28.11 0.57
N SER B 300 13.99 28.10 1.87
CA SER B 300 15.06 27.90 2.85
C SER B 300 14.83 26.60 3.63
N SER B 301 14.86 25.48 2.92
CA SER B 301 14.65 24.16 3.51
C SER B 301 15.92 23.34 3.35
N ASN B 302 15.94 22.17 4.00
CA ASN B 302 17.13 21.32 3.94
C ASN B 302 17.27 20.60 2.62
N ARG B 303 16.16 20.31 1.93
CA ARG B 303 16.18 19.48 0.74
C ARG B 303 16.41 20.34 -0.49
N GLU B 304 17.33 19.89 -1.35
CA GLU B 304 17.59 20.60 -2.60
C GLU B 304 16.38 20.57 -3.51
N GLU B 305 15.65 19.45 -3.54
CA GLU B 305 14.52 19.32 -4.47
C GLU B 305 13.38 20.24 -4.08
N ALA B 306 13.14 20.42 -2.79
CA ALA B 306 12.13 21.37 -2.35
C ALA B 306 12.47 22.77 -2.84
N ARG B 307 13.74 23.16 -2.71
CA ARG B 307 14.17 24.48 -3.19
C ARG B 307 14.06 24.57 -4.70
N ASN B 308 14.36 23.47 -5.41
CA ASN B 308 14.23 23.44 -6.86
C ASN B 308 12.79 23.77 -7.26
N LEU B 309 11.83 23.08 -6.63
CA LEU B 309 10.44 23.26 -7.01
C LEU B 309 9.90 24.62 -6.57
N ALA B 310 10.29 25.08 -5.39
CA ALA B 310 9.84 26.40 -4.95
C ALA B 310 10.38 27.48 -5.87
N ALA B 311 11.67 27.40 -6.21
CA ALA B 311 12.23 28.35 -7.17
C ALA B 311 11.48 28.28 -8.51
N PHE B 312 11.30 27.08 -9.03
CA PHE B 312 10.56 26.91 -10.29
C PHE B 312 9.23 27.64 -10.22
N HIS B 313 8.48 27.44 -9.13
CA HIS B 313 7.17 28.07 -9.04
C HIS B 313 7.29 29.59 -8.97
N PHE B 314 8.29 30.11 -8.27
CA PHE B 314 8.40 31.57 -8.17
C PHE B 314 8.85 32.19 -9.50
N CYS B 315 9.74 31.51 -10.22
CA CYS B 315 10.10 31.92 -11.57
C CYS B 315 8.88 31.92 -12.49
N MET B 316 7.95 30.99 -12.23
CA MET B 316 6.70 30.98 -12.97
C MET B 316 5.83 32.18 -12.61
N GLU B 317 5.65 32.41 -11.30
CA GLU B 317 4.78 33.49 -10.82
C GLU B 317 5.31 34.87 -11.19
N ALA B 318 6.62 35.00 -11.39
CA ALA B 318 7.21 36.30 -11.67
C ALA B 318 6.70 36.86 -12.99
N GLY B 319 6.66 36.03 -14.03
CA GLY B 319 6.12 36.49 -15.31
C GLY B 319 4.66 36.90 -15.23
N ILE B 320 3.86 36.11 -14.51
CA ILE B 320 2.45 36.45 -14.36
C ILE B 320 2.29 37.79 -13.65
N LYS B 321 2.90 37.94 -12.47
CA LYS B 321 2.80 39.20 -11.76
C LYS B 321 3.33 40.36 -12.58
N ARG B 322 4.38 40.12 -13.38
CA ARG B 322 4.89 41.18 -14.23
C ARG B 322 3.88 41.58 -15.29
N GLU B 323 3.22 40.60 -15.92
CA GLU B 323 2.20 40.90 -16.91
C GLU B 323 1.07 41.71 -16.30
N GLN B 324 0.66 41.38 -15.07
CA GLN B 324 -0.44 42.10 -14.42
C GLN B 324 0.03 43.26 -13.55
N GLY B 325 1.32 43.58 -13.55
CA GLY B 325 1.79 44.73 -12.80
C GLY B 325 1.78 44.57 -11.31
N ASN B 326 1.50 43.38 -10.79
CA ASN B 326 1.52 43.14 -9.34
C ASN B 326 2.83 42.48 -8.94
N THR B 327 3.93 43.15 -9.30
CA THR B 327 5.25 42.63 -8.95
C THR B 327 5.59 42.90 -7.49
N ASP B 328 5.11 44.01 -6.94
CA ASP B 328 5.40 44.34 -5.54
C ASP B 328 4.94 43.24 -4.59
N ILE B 329 4.10 42.31 -5.04
CA ILE B 329 3.65 41.20 -4.20
C ILE B 329 4.85 40.56 -3.49
N PHE B 330 5.90 40.25 -4.26
CA PHE B 330 7.03 39.49 -3.72
C PHE B 330 7.74 40.25 -2.61
N ARG B 331 7.57 41.57 -2.54
CA ARG B 331 8.16 42.33 -1.45
C ARG B 331 7.28 42.31 -0.21
N GLU B 332 5.96 42.32 -0.40
CA GLU B 332 5.04 42.29 0.73
C GLU B 332 5.10 40.97 1.48
N ILE B 333 5.61 39.91 0.85
CA ILE B 333 5.70 38.59 1.46
C ILE B 333 7.14 38.23 1.82
N ASN B 334 8.06 39.21 1.80
CA ASN B 334 9.46 39.00 2.15
C ASN B 334 10.08 37.88 1.30
N ALA B 335 9.62 37.76 0.06
CA ALA B 335 10.18 36.76 -0.84
C ALA B 335 11.51 37.19 -1.45
N ILE B 336 11.80 38.49 -1.50
CA ILE B 336 13.01 38.97 -2.14
C ILE B 336 14.25 38.47 -1.42
N GLU B 337 14.22 38.52 -0.08
CA GLU B 337 15.36 38.05 0.70
C GLU B 337 15.67 36.59 0.41
N ALA B 338 14.66 35.72 0.49
CA ALA B 338 14.87 34.28 0.26
C ALA B 338 15.28 34.01 -1.17
N LEU B 339 14.67 34.71 -2.13
CA LEU B 339 15.05 34.55 -3.53
C LEU B 339 16.53 34.89 -3.73
N LYS B 340 16.99 35.96 -3.09
CA LYS B 340 18.40 36.33 -3.21
C LYS B 340 19.29 35.26 -2.59
N ASN B 341 18.93 34.81 -1.39
CA ASN B 341 19.69 33.75 -0.73
C ASN B 341 19.80 32.52 -1.63
N VAL B 342 18.77 32.24 -2.42
CA VAL B 342 18.83 31.08 -3.32
C VAL B 342 19.69 31.40 -4.54
N ALA B 343 19.56 32.61 -5.08
CA ALA B 343 20.38 33.02 -6.22
C ALA B 343 21.86 32.99 -5.89
N SER B 344 22.21 33.00 -4.60
CA SER B 344 23.61 32.89 -4.23
C SER B 344 24.10 31.44 -4.20
N CYS B 345 23.22 30.50 -3.80
CA CYS B 345 23.65 29.13 -3.50
C CYS B 345 24.37 28.49 -4.68
N PRO B 346 25.09 27.36 -4.44
CA PRO B 346 25.79 26.66 -5.52
C PRO B 346 24.88 26.01 -6.55
N ASN B 347 23.86 25.30 -6.08
CA ASN B 347 22.92 24.62 -6.97
C ASN B 347 22.44 25.54 -8.08
N ALA B 348 22.79 25.24 -9.32
CA ALA B 348 22.42 26.12 -10.42
C ALA B 348 20.99 25.87 -10.89
N ILE B 349 20.44 24.69 -10.61
CA ILE B 349 19.06 24.42 -10.99
C ILE B 349 18.12 25.42 -10.32
N ALA B 350 18.28 25.60 -9.01
CA ALA B 350 17.41 26.53 -8.29
C ALA B 350 17.90 27.97 -8.36
N SER B 351 19.21 28.16 -8.55
CA SER B 351 19.77 29.50 -8.61
C SER B 351 19.34 30.20 -9.90
N LYS B 352 19.36 29.49 -11.03
CA LYS B 352 18.93 30.09 -12.28
C LYS B 352 17.48 30.55 -12.18
N PHE B 353 16.64 29.73 -11.53
CA PHE B 353 15.23 30.06 -11.37
C PHE B 353 15.05 31.28 -10.47
N ALA B 354 15.70 31.29 -9.30
CA ALA B 354 15.57 32.43 -8.41
C ALA B 354 16.09 33.71 -9.07
N ALA B 355 17.19 33.62 -9.82
CA ALA B 355 17.72 34.81 -10.48
C ALA B 355 16.75 35.32 -11.55
N GLN B 356 16.25 34.42 -12.39
CA GLN B 356 15.28 34.84 -13.40
C GLN B 356 14.04 35.46 -12.75
N ALA B 357 13.60 34.91 -11.62
CA ALA B 357 12.45 35.49 -10.92
C ALA B 357 12.77 36.89 -10.43
N LEU B 358 13.95 37.09 -9.84
CA LEU B 358 14.32 38.41 -9.33
C LEU B 358 14.44 39.43 -10.46
N ARG B 359 14.92 39.01 -11.62
CA ARG B 359 15.02 39.94 -12.74
C ARG B 359 13.65 40.33 -13.27
N LEU B 360 12.67 39.43 -13.21
CA LEU B 360 11.31 39.71 -13.64
C LEU B 360 10.51 40.52 -12.64
N ILE B 361 11.13 40.97 -11.55
CA ILE B 361 10.47 41.75 -10.51
C ILE B 361 11.01 43.17 -10.46
N GLY B 362 12.33 43.33 -10.50
CA GLY B 362 12.95 44.63 -10.45
C GLY B 362 14.39 44.59 -9.99
N ALA C 12 15.76 9.61 24.74
CA ALA C 12 17.03 8.89 24.68
C ALA C 12 16.77 7.40 24.51
N GLY C 13 17.80 6.58 24.75
CA GLY C 13 17.72 5.16 24.52
C GLY C 13 17.50 4.36 25.79
N SER C 14 16.24 4.05 26.10
CA SER C 14 15.90 3.40 27.36
C SER C 14 15.31 2.00 27.18
N GLY C 15 13.98 1.87 27.02
CA GLY C 15 13.38 0.55 27.06
C GLY C 15 12.17 0.29 26.18
N GLN C 16 11.07 -0.16 26.79
CA GLN C 16 9.88 -0.61 26.08
C GLN C 16 8.71 0.34 26.31
N GLN C 17 7.67 0.17 25.48
CA GLN C 17 6.50 1.04 25.39
C GLN C 17 6.33 1.47 23.93
N GLU C 18 5.47 2.46 23.67
CA GLU C 18 5.37 3.09 22.36
C GLU C 18 6.66 3.86 22.06
N ILE C 19 7.55 3.24 21.28
CA ILE C 19 8.86 3.79 21.01
C ILE C 19 8.93 4.21 19.55
N GLU C 20 7.79 4.60 18.98
CA GLU C 20 7.82 5.15 17.63
C GLU C 20 7.97 6.66 17.61
N GLN C 21 7.71 7.32 18.74
CA GLN C 21 8.07 8.73 18.87
C GLN C 21 9.58 8.88 18.84
N THR C 22 10.28 7.90 19.41
CA THR C 22 11.73 7.88 19.35
C THR C 22 12.21 7.59 17.94
N ILE C 23 11.54 6.67 17.26
CA ILE C 23 11.82 6.41 15.85
C ILE C 23 11.78 7.71 15.07
N ASN C 24 10.69 8.47 15.23
CA ASN C 24 10.54 9.68 14.45
C ASN C 24 11.62 10.71 14.80
N LYS C 25 11.86 10.92 16.09
CA LYS C 25 12.85 11.92 16.47
C LYS C 25 14.21 11.60 15.85
N TYR C 26 14.70 10.37 16.06
CA TYR C 26 16.05 10.05 15.61
C TYR C 26 16.12 9.87 14.08
N SER C 27 15.04 9.45 13.44
CA SER C 27 15.04 9.39 11.97
C SER C 27 15.13 10.78 11.37
N ASN C 28 14.36 11.74 11.90
CA ASN C 28 14.45 13.10 11.39
C ASN C 28 15.83 13.69 11.66
N MET C 29 16.40 13.40 12.83
CA MET C 29 17.77 13.82 13.10
C MET C 29 18.74 13.29 12.03
N LEU C 30 18.63 12.00 11.73
CA LEU C 30 19.53 11.40 10.74
C LEU C 30 19.36 12.04 9.38
N THR C 31 18.11 12.23 8.93
CA THR C 31 17.89 12.79 7.61
C THR C 31 18.36 14.23 7.52
N SER C 32 18.23 15.01 8.60
CA SER C 32 18.75 16.37 8.55
C SER C 32 20.28 16.36 8.45
N ILE C 33 20.93 15.52 9.25
CA ILE C 33 22.39 15.45 9.18
C ILE C 33 22.82 15.07 7.77
N VAL C 34 22.10 14.16 7.13
CA VAL C 34 22.45 13.80 5.76
C VAL C 34 22.18 14.95 4.81
N SER C 35 21.08 15.69 5.03
CA SER C 35 20.77 16.81 4.15
C SER C 35 21.83 17.89 4.20
N SER C 36 22.64 17.93 5.25
CA SER C 36 23.76 18.88 5.27
C SER C 36 24.85 18.32 4.35
N LEU C 37 24.85 18.75 3.09
CA LEU C 37 25.87 18.32 2.15
C LEU C 37 26.08 19.39 1.08
N GLN C 38 27.29 19.40 0.51
CA GLN C 38 27.62 20.29 -0.60
C GLN C 38 27.93 19.48 -1.86
N TYR C 59 32.91 14.28 8.88
CA TYR C 59 33.08 14.26 10.32
C TYR C 59 31.75 14.16 11.08
N LEU C 60 30.65 14.50 10.41
CA LEU C 60 29.31 14.38 10.99
C LEU C 60 28.80 12.96 10.96
N GLU C 61 29.68 11.99 11.23
CA GLU C 61 29.32 10.58 11.25
C GLU C 61 28.99 10.11 12.66
N LYS C 62 28.33 10.97 13.46
CA LYS C 62 27.75 10.54 14.72
C LYS C 62 26.49 9.71 14.50
N ILE C 63 26.02 9.64 13.26
CA ILE C 63 24.94 8.71 12.90
C ILE C 63 25.35 7.29 13.25
N ASN C 64 26.65 6.99 13.17
CA ASN C 64 27.12 5.65 13.51
C ASN C 64 26.86 5.32 14.97
N GLU C 65 27.09 6.29 15.86
CA GLU C 65 26.79 6.08 17.27
C GLU C 65 25.30 5.88 17.49
N VAL C 66 24.48 6.71 16.83
CA VAL C 66 23.04 6.65 17.05
C VAL C 66 22.47 5.32 16.56
N ILE C 67 22.96 4.82 15.43
CA ILE C 67 22.44 3.55 14.92
C ILE C 67 23.00 2.38 15.73
N ARG C 68 24.27 2.44 16.10
CA ARG C 68 24.84 1.41 16.96
C ARG C 68 24.05 1.27 18.26
N ARG C 69 23.63 2.40 18.83
CA ARG C 69 22.83 2.34 20.06
C ARG C 69 21.35 2.08 19.79
N ALA C 70 20.88 2.33 18.57
CA ALA C 70 19.50 2.01 18.23
C ALA C 70 19.31 0.50 18.13
N TRP C 71 20.24 -0.18 17.47
CA TRP C 71 20.17 -1.64 17.43
C TRP C 71 20.24 -2.25 18.83
N ALA C 72 20.77 -1.52 19.81
CA ALA C 72 21.03 -2.10 21.13
C ALA C 72 19.79 -2.15 22.02
N VAL C 73 18.75 -1.38 21.70
CA VAL C 73 17.50 -1.42 22.46
C VAL C 73 17.11 -2.89 22.59
N PRO C 74 16.79 -3.35 23.81
CA PRO C 74 16.66 -4.80 24.04
C PRO C 74 15.80 -5.56 23.03
N THR C 75 14.53 -5.18 22.89
CA THR C 75 13.61 -5.90 22.03
C THR C 75 13.17 -5.12 20.80
N HIS C 76 12.97 -3.82 20.93
CA HIS C 76 12.57 -2.98 19.80
C HIS C 76 13.76 -2.48 18.99
N GLY C 77 14.96 -2.97 19.28
CA GLY C 77 16.12 -2.50 18.56
C GLY C 77 16.04 -2.82 17.08
N HIS C 78 15.45 -3.98 16.74
CA HIS C 78 15.31 -4.35 15.34
C HIS C 78 14.47 -3.32 14.58
N GLU C 79 13.31 -2.94 15.15
CA GLU C 79 12.42 -2.00 14.49
C GLU C 79 13.09 -0.63 14.32
N LEU C 80 13.67 -0.10 15.40
CA LEU C 80 14.35 1.19 15.33
C LEU C 80 15.49 1.16 14.33
N GLY C 81 16.31 0.10 14.37
CA GLY C 81 17.44 0.02 13.46
C GLY C 81 17.01 -0.01 12.01
N TYR C 82 16.01 -0.84 11.69
CA TYR C 82 15.53 -0.92 10.32
C TYR C 82 14.96 0.42 9.86
N SER C 83 14.18 1.08 10.72
CA SER C 83 13.59 2.36 10.31
C SER C 83 14.67 3.40 10.09
N LEU C 84 15.70 3.42 10.93
CA LEU C 84 16.75 4.42 10.79
C LEU C 84 17.60 4.15 9.54
N CYS C 85 17.91 2.89 9.25
CA CYS C 85 18.66 2.59 8.03
C CYS C 85 17.83 2.86 6.78
N ASN C 86 16.51 2.62 6.85
CA ASN C 86 15.66 2.95 5.71
C ASN C 86 15.57 4.45 5.50
N SER C 87 15.50 5.23 6.58
CA SER C 87 15.54 6.68 6.43
C SER C 87 16.89 7.13 5.87
N LEU C 88 17.98 6.46 6.26
CA LEU C 88 19.28 6.77 5.70
C LEU C 88 19.29 6.55 4.19
N ARG C 89 18.76 5.41 3.76
CA ARG C 89 18.75 5.11 2.32
C ARG C 89 17.84 6.10 1.58
N GLN C 90 16.69 6.42 2.17
CA GLN C 90 15.69 7.24 1.49
C GLN C 90 16.10 8.71 1.43
N SER C 91 16.89 9.17 2.39
CA SER C 91 17.41 10.54 2.35
C SER C 91 18.59 10.70 1.38
N GLY C 92 18.95 9.65 0.64
CA GLY C 92 20.09 9.70 -0.26
C GLY C 92 21.43 9.59 0.42
N GLY C 93 21.46 9.27 1.72
CA GLY C 93 22.72 9.21 2.44
C GLY C 93 23.58 8.02 2.09
N LEU C 94 22.96 6.92 1.66
CA LEU C 94 23.73 5.73 1.30
C LEU C 94 24.64 6.02 0.09
N ASP C 95 24.11 6.70 -0.92
CA ASP C 95 24.95 7.09 -2.05
C ASP C 95 26.12 7.95 -1.60
N LEU C 96 25.88 8.84 -0.62
CA LEU C 96 26.96 9.68 -0.12
C LEU C 96 28.03 8.87 0.59
N LEU C 97 27.62 7.88 1.39
CA LEU C 97 28.59 7.02 2.06
C LEU C 97 29.42 6.24 1.03
N MET C 98 28.77 5.73 -0.01
CA MET C 98 29.50 5.03 -1.05
C MET C 98 30.39 5.99 -1.85
N LYS C 99 30.03 7.27 -1.90
CA LYS C 99 30.82 8.25 -2.64
C LYS C 99 32.06 8.65 -1.87
N ASN C 100 31.91 9.03 -0.60
CA ASN C 100 33.03 9.48 0.20
C ASN C 100 33.77 8.33 0.88
N CYS C 101 33.50 7.09 0.47
CA CYS C 101 34.32 5.96 0.88
C CYS C 101 35.53 5.77 -0.04
N VAL C 102 35.61 6.55 -1.11
CA VAL C 102 36.84 6.65 -1.91
C VAL C 102 37.70 7.85 -1.46
N LYS C 103 37.20 8.68 -0.53
CA LYS C 103 37.95 9.79 0.07
C LYS C 103 38.64 9.31 1.33
N PRO C 104 39.93 9.63 1.52
CA PRO C 104 40.67 9.04 2.66
C PRO C 104 40.14 9.46 4.02
N ASP C 105 39.94 10.76 4.25
CA ASP C 105 39.57 11.22 5.60
C ASP C 105 38.22 10.71 6.04
N LEU C 106 37.33 10.39 5.09
CA LEU C 106 36.00 9.88 5.42
C LEU C 106 35.85 8.41 5.07
N GLN C 107 36.95 7.70 4.83
CA GLN C 107 36.88 6.30 4.44
C GLN C 107 36.36 5.48 5.61
N PHE C 108 37.16 5.35 6.67
CA PHE C 108 36.74 4.55 7.82
C PHE C 108 35.49 5.13 8.47
N SER C 109 35.44 6.46 8.63
CA SER C 109 34.27 7.09 9.24
C SER C 109 32.99 6.65 8.57
N SER C 110 33.02 6.46 7.25
CA SER C 110 31.85 6.04 6.50
C SER C 110 31.67 4.53 6.50
N ALA C 111 32.75 3.77 6.34
CA ALA C 111 32.63 2.32 6.31
C ALA C 111 32.09 1.78 7.63
N GLN C 112 32.46 2.41 8.75
CA GLN C 112 31.90 2.00 10.04
C GLN C 112 30.38 2.08 10.04
N LEU C 113 29.84 3.21 9.57
CA LEU C 113 28.39 3.37 9.48
C LEU C 113 27.79 2.48 8.41
N LEU C 114 28.56 2.15 7.37
CA LEU C 114 28.05 1.32 6.30
C LEU C 114 27.94 -0.13 6.73
N GLU C 115 28.75 -0.54 7.71
CA GLU C 115 28.67 -1.90 8.24
C GLU C 115 27.43 -2.11 9.10
N GLN C 116 26.84 -1.05 9.64
CA GLN C 116 25.69 -1.15 10.54
C GLN C 116 24.36 -0.91 9.83
N CYS C 117 24.37 -0.57 8.55
CA CYS C 117 23.15 -0.36 7.78
C CYS C 117 23.21 -1.10 6.45
N LEU C 118 23.61 -2.36 6.49
CA LEU C 118 23.55 -3.22 5.31
C LEU C 118 22.34 -4.14 5.40
N THR C 119 21.17 -3.51 5.51
CA THR C 119 19.91 -4.24 5.46
C THR C 119 19.69 -4.80 4.05
N THR C 120 18.55 -5.47 3.86
CA THR C 120 18.27 -6.10 2.58
C THR C 120 18.15 -5.08 1.46
N GLU C 121 17.31 -4.05 1.67
CA GLU C 121 17.17 -3.01 0.67
C GLU C 121 18.47 -2.23 0.48
N ASN C 122 19.11 -1.85 1.59
CA ASN C 122 20.38 -1.14 1.49
C ASN C 122 21.44 -2.00 0.81
N ARG C 123 21.49 -3.29 1.13
CA ARG C 123 22.46 -4.15 0.50
C ARG C 123 22.21 -4.27 -1.00
N LYS C 124 20.94 -4.38 -1.40
CA LYS C 124 20.62 -4.40 -2.82
C LYS C 124 21.09 -3.11 -3.49
N HIS C 125 20.80 -1.96 -2.88
CA HIS C 125 21.21 -0.68 -3.46
C HIS C 125 22.73 -0.63 -3.64
N VAL C 126 23.47 -1.08 -2.62
CA VAL C 126 24.93 -1.07 -2.69
C VAL C 126 25.40 -1.97 -3.83
N VAL C 127 24.90 -3.20 -3.88
CA VAL C 127 25.32 -4.14 -4.91
C VAL C 127 25.03 -3.60 -6.30
N ASP C 128 23.95 -2.82 -6.44
CA ASP C 128 23.54 -2.39 -7.78
C ASP C 128 24.29 -1.15 -8.25
N ASN C 129 24.54 -0.20 -7.34
CA ASN C 129 25.10 1.10 -7.73
C ASN C 129 26.45 1.38 -7.08
N GLY C 130 27.22 0.34 -6.77
CA GLY C 130 28.59 0.55 -6.30
C GLY C 130 29.10 -0.50 -5.35
N LEU C 131 29.22 -1.74 -5.84
CA LEU C 131 29.77 -2.81 -5.02
C LEU C 131 31.27 -2.67 -4.86
N ASP C 132 31.95 -2.25 -5.93
CA ASP C 132 33.41 -2.23 -5.96
C ASP C 132 33.97 -1.34 -4.86
N LYS C 133 33.41 -0.13 -4.71
CA LYS C 133 33.92 0.81 -3.71
C LYS C 133 33.81 0.22 -2.32
N VAL C 134 32.64 -0.35 -1.98
CA VAL C 134 32.43 -0.89 -0.65
C VAL C 134 33.35 -2.07 -0.38
N VAL C 135 33.46 -2.97 -1.35
CA VAL C 135 34.33 -4.13 -1.17
C VAL C 135 35.77 -3.68 -0.95
N ASN C 136 36.24 -2.70 -1.74
CA ASN C 136 37.63 -2.28 -1.61
C ASN C 136 37.88 -1.58 -0.28
N VAL C 137 36.93 -0.76 0.19
CA VAL C 137 37.15 -0.09 1.46
C VAL C 137 37.15 -1.11 2.59
N ALA C 138 36.32 -2.15 2.49
CA ALA C 138 36.37 -3.21 3.49
C ALA C 138 37.72 -3.92 3.46
N CYS C 139 38.23 -4.21 2.27
CA CYS C 139 39.51 -4.89 2.15
C CYS C 139 40.65 -4.07 2.75
N VAL C 140 40.70 -2.77 2.43
CA VAL C 140 41.76 -1.94 2.97
C VAL C 140 41.56 -1.67 4.46
N CYS C 141 40.33 -1.77 4.97
CA CYS C 141 40.13 -1.72 6.42
C CYS C 141 40.66 -2.97 7.10
N THR C 142 40.54 -4.12 6.45
CA THR C 142 41.11 -5.33 7.04
C THR C 142 42.63 -5.36 6.92
N LYS C 143 43.19 -4.68 5.91
CA LYS C 143 44.63 -4.72 5.70
C LYS C 143 45.41 -3.97 6.77
N ASN C 144 44.83 -2.94 7.37
CA ASN C 144 45.58 -2.12 8.32
C ASN C 144 45.50 -2.73 9.71
N SER C 145 46.42 -2.29 10.58
CA SER C 145 46.65 -2.96 11.85
C SER C 145 45.64 -2.59 12.93
N ASN C 146 44.96 -1.45 12.83
CA ASN C 146 43.99 -1.10 13.85
C ASN C 146 42.85 -2.12 13.84
N MET C 147 42.50 -2.62 15.03
CA MET C 147 41.53 -3.71 15.11
C MET C 147 40.13 -3.23 14.74
N GLU C 148 39.76 -2.03 15.15
CA GLU C 148 38.41 -1.54 14.84
C GLU C 148 38.16 -1.54 13.34
N HIS C 149 39.16 -1.12 12.56
CA HIS C 149 39.02 -1.16 11.11
C HIS C 149 38.83 -2.58 10.61
N SER C 150 39.58 -3.53 11.19
CA SER C 150 39.45 -4.92 10.75
C SER C 150 38.06 -5.46 11.06
N ARG C 151 37.52 -5.13 12.24
CA ARG C 151 36.15 -5.49 12.57
C ARG C 151 35.18 -4.93 11.53
N VAL C 152 35.32 -3.64 11.22
CA VAL C 152 34.42 -3.00 10.27
C VAL C 152 34.49 -3.70 8.90
N GLY C 153 35.71 -3.98 8.44
CA GLY C 153 35.86 -4.58 7.11
C GLY C 153 35.30 -5.99 7.05
N THR C 154 35.62 -6.80 8.05
CA THR C 154 35.10 -8.17 8.07
C THR C 154 33.58 -8.16 8.16
N GLY C 155 33.01 -7.21 8.91
CA GLY C 155 31.55 -7.12 8.99
C GLY C 155 30.94 -6.73 7.67
N ILE C 156 31.54 -5.77 6.97
CA ILE C 156 31.04 -5.38 5.65
C ILE C 156 31.05 -6.59 4.72
N LEU C 157 32.14 -7.36 4.73
CA LEU C 157 32.22 -8.52 3.85
C LEU C 157 31.17 -9.56 4.22
N GLU C 158 31.03 -9.86 5.52
CA GLU C 158 29.97 -10.76 5.97
C GLU C 158 28.63 -10.34 5.39
N HIS C 159 28.23 -9.09 5.64
CA HIS C 159 26.92 -8.64 5.20
C HIS C 159 26.78 -8.72 3.68
N LEU C 160 27.86 -8.46 2.94
CA LEU C 160 27.79 -8.50 1.48
C LEU C 160 27.73 -9.93 0.94
N PHE C 161 28.11 -10.92 1.73
CA PHE C 161 28.02 -12.30 1.26
C PHE C 161 26.62 -12.90 1.40
N LYS C 162 25.59 -12.10 1.72
CA LYS C 162 24.24 -12.63 1.89
C LYS C 162 23.29 -12.13 0.81
N HIS C 163 23.71 -12.16 -0.46
CA HIS C 163 22.88 -11.60 -1.52
C HIS C 163 22.59 -12.65 -2.59
N SER C 164 23.60 -13.11 -3.34
CA SER C 164 23.36 -14.04 -4.44
C SER C 164 24.69 -14.67 -4.84
N GLU C 165 24.58 -15.70 -5.68
CA GLU C 165 25.78 -16.31 -6.26
C GLU C 165 26.58 -15.28 -7.05
N GLY C 166 25.90 -14.43 -7.81
CA GLY C 166 26.61 -13.42 -8.58
C GLY C 166 27.38 -12.46 -7.70
N THR C 167 26.75 -11.97 -6.63
CA THR C 167 27.44 -11.05 -5.73
C THR C 167 28.60 -11.75 -5.03
N CYS C 168 28.42 -13.01 -4.65
CA CYS C 168 29.53 -13.75 -4.04
C CYS C 168 30.69 -13.89 -5.01
N SER C 169 30.40 -14.23 -6.27
CA SER C 169 31.46 -14.32 -7.27
C SER C 169 32.17 -12.99 -7.44
N ASP C 170 31.41 -11.90 -7.52
CA ASP C 170 32.02 -10.59 -7.71
C ASP C 170 32.89 -10.20 -6.52
N VAL C 171 32.41 -10.46 -5.30
CA VAL C 171 33.20 -10.14 -4.11
C VAL C 171 34.45 -11.00 -4.03
N ILE C 172 34.36 -12.26 -4.45
CA ILE C 172 35.55 -13.11 -4.51
C ILE C 172 36.54 -12.53 -5.50
N ARG C 173 36.06 -12.08 -6.66
CA ARG C 173 36.93 -11.48 -7.66
C ARG C 173 37.60 -10.22 -7.10
N LEU C 174 36.85 -9.41 -6.37
CA LEU C 174 37.37 -8.18 -5.78
C LEU C 174 38.21 -8.42 -4.53
N GLY C 175 38.42 -9.67 -4.14
CA GLY C 175 39.35 -9.97 -3.06
C GLY C 175 38.76 -9.99 -1.67
N GLY C 176 37.46 -10.27 -1.54
CA GLY C 176 36.83 -10.33 -0.24
C GLY C 176 37.09 -11.64 0.48
N LEU C 177 36.99 -12.75 -0.25
CA LEU C 177 37.31 -14.04 0.32
C LEU C 177 38.74 -14.06 0.85
N ASP C 178 39.67 -13.47 0.09
CA ASP C 178 41.05 -13.37 0.56
C ASP C 178 41.12 -12.59 1.88
N ALA C 179 40.34 -11.50 1.98
CA ALA C 179 40.37 -10.70 3.19
C ALA C 179 39.86 -11.48 4.40
N VAL C 180 38.74 -12.18 4.24
CA VAL C 180 38.23 -12.91 5.40
C VAL C 180 39.16 -14.07 5.74
N LEU C 181 39.79 -14.70 4.75
CA LEU C 181 40.70 -15.80 5.08
C LEU C 181 41.98 -15.29 5.73
N PHE C 182 42.36 -14.04 5.45
CA PHE C 182 43.48 -13.44 6.19
C PHE C 182 43.07 -13.10 7.62
N GLU C 183 41.87 -12.54 7.80
CA GLU C 183 41.43 -12.18 9.15
C GLU C 183 41.05 -13.40 9.99
N CYS C 184 40.87 -14.56 9.35
CA CYS C 184 40.66 -15.78 10.12
C CYS C 184 41.85 -16.14 11.01
N ARG C 185 42.99 -15.49 10.82
CA ARG C 185 44.17 -15.72 11.65
C ARG C 185 44.24 -14.77 12.85
N THR C 186 43.28 -13.89 13.03
CA THR C 186 43.37 -12.86 14.06
C THR C 186 43.00 -13.43 15.42
N SER C 187 43.09 -12.59 16.44
CA SER C 187 42.73 -12.96 17.80
C SER C 187 41.43 -12.34 18.28
N ASP C 188 41.10 -11.13 17.81
CA ASP C 188 39.88 -10.46 18.25
C ASP C 188 38.69 -11.38 18.03
N LEU C 189 37.77 -11.39 19.00
CA LEU C 189 36.61 -12.25 18.87
C LEU C 189 35.57 -11.67 17.92
N GLU C 190 35.30 -10.36 18.00
CA GLU C 190 34.33 -9.79 17.07
C GLU C 190 34.74 -10.06 15.62
N THR C 191 36.03 -9.91 15.32
CA THR C 191 36.49 -10.13 13.96
C THR C 191 36.38 -11.61 13.58
N LEU C 192 36.72 -12.52 14.49
CA LEU C 192 36.61 -13.94 14.18
C LEU C 192 35.15 -14.35 13.99
N ARG C 193 34.24 -13.74 14.76
CA ARG C 193 32.82 -14.02 14.61
C ARG C 193 32.31 -13.54 13.25
N HIS C 194 32.69 -12.32 12.88
CA HIS C 194 32.35 -11.84 11.54
C HIS C 194 32.92 -12.77 10.48
N CYS C 195 34.13 -13.31 10.70
CA CYS C 195 34.74 -14.18 9.71
C CYS C 195 33.95 -15.49 9.56
N ALA C 196 33.60 -16.10 10.69
CA ALA C 196 32.81 -17.33 10.66
C ALA C 196 31.47 -17.09 9.97
N SER C 197 30.79 -16.00 10.34
CA SER C 197 29.51 -15.70 9.73
C SER C 197 29.64 -15.47 8.23
N ALA C 198 30.74 -14.83 7.81
CA ALA C 198 30.96 -14.58 6.39
C ALA C 198 31.18 -15.88 5.64
N LEU C 199 32.00 -16.78 6.19
CA LEU C 199 32.24 -18.04 5.52
C LEU C 199 30.97 -18.88 5.45
N ALA C 200 30.14 -18.84 6.48
CA ALA C 200 28.86 -19.54 6.43
C ALA C 200 27.96 -18.93 5.34
N ASN C 201 27.82 -17.61 5.33
CA ASN C 201 26.99 -16.96 4.34
C ASN C 201 27.47 -17.29 2.93
N LEU C 202 28.78 -17.37 2.73
CA LEU C 202 29.29 -17.68 1.41
C LEU C 202 29.03 -19.15 1.04
N SER C 203 29.27 -20.07 1.98
CA SER C 203 28.94 -21.47 1.73
C SER C 203 27.47 -21.63 1.34
N LEU C 204 26.60 -20.79 1.90
CA LEU C 204 25.17 -20.93 1.63
C LEU C 204 24.77 -20.27 0.31
N TYR C 205 25.23 -19.04 0.08
CA TYR C 205 24.85 -18.25 -1.09
C TYR C 205 25.76 -18.45 -2.29
N GLY C 206 26.77 -19.32 -2.20
CA GLY C 206 27.77 -19.39 -3.24
C GLY C 206 27.40 -20.16 -4.50
N GLY C 207 27.05 -21.43 -4.34
CA GLY C 207 26.79 -22.30 -5.45
C GLY C 207 27.90 -23.30 -5.68
N ALA C 208 28.00 -23.74 -6.93
CA ALA C 208 29.01 -24.73 -7.29
C ALA C 208 30.34 -24.08 -7.64
N GLU C 209 30.33 -23.10 -8.55
CA GLU C 209 31.58 -22.44 -8.96
C GLU C 209 32.29 -21.82 -7.77
N ASN C 210 31.54 -21.09 -6.94
CA ASN C 210 32.17 -20.39 -5.83
C ASN C 210 32.68 -21.37 -4.79
N GLN C 211 32.00 -22.49 -4.57
CA GLN C 211 32.51 -23.49 -3.64
C GLN C 211 33.77 -24.16 -4.20
N GLU C 212 33.83 -24.38 -5.51
CA GLU C 212 35.08 -24.86 -6.11
C GLU C 212 36.22 -23.88 -5.83
N GLU C 213 35.99 -22.60 -6.11
CA GLU C 213 37.01 -21.59 -5.84
C GLU C 213 37.41 -21.60 -4.36
N MET C 214 36.44 -21.73 -3.46
CA MET C 214 36.73 -21.81 -2.03
C MET C 214 37.64 -22.99 -1.73
N ILE C 215 37.38 -24.14 -2.34
CA ILE C 215 38.24 -25.30 -2.13
C ILE C 215 39.64 -24.99 -2.64
N LEU C 216 39.74 -24.15 -3.68
CA LEU C 216 41.07 -23.76 -4.17
C LEU C 216 41.78 -22.83 -3.19
N ARG C 217 41.04 -21.94 -2.53
CA ARG C 217 41.64 -21.02 -1.56
C ARG C 217 41.85 -21.65 -0.19
N LYS C 218 41.65 -22.97 -0.05
CA LYS C 218 41.88 -23.68 1.20
C LYS C 218 40.99 -23.13 2.32
N VAL C 219 39.70 -22.95 2.02
CA VAL C 219 38.75 -22.49 3.04
C VAL C 219 38.62 -23.52 4.16
N PRO C 220 38.50 -24.82 3.88
CA PRO C 220 38.41 -25.79 5.00
C PRO C 220 39.59 -25.67 5.95
N MET C 221 40.78 -25.53 5.40
CA MET C 221 41.88 -24.97 6.16
C MET C 221 41.48 -23.57 6.60
N TRP C 222 41.84 -23.19 7.81
CA TRP C 222 41.50 -21.89 8.36
C TRP C 222 40.03 -21.83 8.76
N LEU C 223 39.20 -22.78 8.28
CA LEU C 223 37.92 -23.00 8.95
C LEU C 223 38.09 -23.91 10.15
N PHE C 224 38.97 -24.91 10.03
CA PHE C 224 39.16 -25.84 11.15
C PHE C 224 39.58 -25.14 12.44
N PRO C 225 40.54 -24.20 12.43
CA PRO C 225 40.89 -23.50 13.68
C PRO C 225 39.73 -22.74 14.33
N LEU C 226 38.71 -22.36 13.57
CA LEU C 226 37.58 -21.65 14.16
C LEU C 226 36.58 -22.60 14.78
N ALA C 227 36.40 -23.78 14.18
CA ALA C 227 35.48 -24.76 14.74
C ALA C 227 35.90 -25.18 16.14
N PHE C 228 37.20 -25.11 16.45
CA PHE C 228 37.69 -25.48 17.77
C PHE C 228 37.81 -24.28 18.71
N HIS C 229 37.22 -23.14 18.36
CA HIS C 229 37.22 -21.99 19.24
C HIS C 229 36.33 -22.25 20.45
N ASN C 230 36.68 -21.62 21.57
CA ASN C 230 35.89 -21.77 22.79
C ASN C 230 34.56 -21.04 22.68
N ASP C 231 34.56 -19.83 22.11
CA ASP C 231 33.32 -19.08 21.94
C ASP C 231 32.34 -19.88 21.09
N ASP C 232 31.12 -20.04 21.61
CA ASP C 232 30.14 -20.92 20.97
C ASP C 232 29.67 -20.36 19.63
N ASN C 233 29.59 -19.03 19.49
CA ASN C 233 29.13 -18.45 18.23
C ASN C 233 30.07 -18.79 17.08
N ILE C 234 31.37 -18.56 17.29
CA ILE C 234 32.37 -18.84 16.25
C ILE C 234 32.32 -20.32 15.88
N LYS C 235 32.38 -21.20 16.89
CA LYS C 235 32.35 -22.63 16.63
C LYS C 235 31.09 -23.02 15.86
N TYR C 236 29.95 -22.50 16.28
CA TYR C 236 28.69 -22.86 15.64
C TYR C 236 28.74 -22.53 14.16
N TYR C 237 29.08 -21.28 13.83
CA TYR C 237 28.98 -20.89 12.42
C TYR C 237 30.08 -21.50 11.58
N ALA C 238 31.25 -21.78 12.17
CA ALA C 238 32.29 -22.47 11.43
C ALA C 238 31.89 -23.90 11.11
N CYS C 239 31.39 -24.64 12.11
CA CYS C 239 30.91 -25.99 11.85
C CYS C 239 29.76 -25.99 10.85
N LEU C 240 28.92 -24.95 10.89
CA LEU C 240 27.82 -24.87 9.94
C LEU C 240 28.34 -24.69 8.52
N ALA C 241 29.33 -23.81 8.34
CA ALA C 241 29.96 -23.66 7.03
C ALA C 241 30.58 -24.97 6.56
N ILE C 242 31.22 -25.70 7.46
CA ILE C 242 31.84 -26.96 7.07
C ILE C 242 30.79 -27.95 6.59
N ALA C 243 29.65 -28.01 7.30
CA ALA C 243 28.58 -28.91 6.90
C ALA C 243 28.02 -28.51 5.54
N VAL C 244 27.74 -27.22 5.34
CA VAL C 244 27.24 -26.76 4.06
C VAL C 244 28.22 -27.11 2.94
N LEU C 245 29.52 -27.12 3.25
CA LEU C 245 30.50 -27.38 2.19
C LEU C 245 30.61 -28.86 1.87
N VAL C 246 30.50 -29.73 2.88
CA VAL C 246 30.51 -31.15 2.58
C VAL C 246 29.21 -31.59 1.92
N ALA C 247 28.11 -30.84 2.10
CA ALA C 247 26.83 -31.25 1.53
C ALA C 247 26.87 -31.38 0.01
N ASN C 248 27.65 -30.53 -0.66
CA ASN C 248 27.82 -30.65 -2.10
C ASN C 248 28.67 -31.88 -2.41
N LYS C 249 28.07 -32.87 -3.10
CA LYS C 249 28.75 -34.13 -3.34
C LYS C 249 29.93 -33.99 -4.29
N GLU C 250 30.07 -32.86 -4.98
CA GLU C 250 31.24 -32.66 -5.83
C GLU C 250 32.45 -32.24 -5.02
N ILE C 251 32.22 -31.52 -3.91
CA ILE C 251 33.31 -31.14 -3.02
C ILE C 251 33.21 -31.86 -1.69
N GLU C 252 32.22 -32.73 -1.50
CA GLU C 252 32.17 -33.51 -0.27
C GLU C 252 33.49 -34.25 -0.08
N ALA C 253 33.90 -35.01 -1.11
CA ALA C 253 35.16 -35.72 -1.04
C ALA C 253 36.31 -34.72 -0.87
N GLU C 254 36.30 -33.65 -1.67
CA GLU C 254 37.38 -32.68 -1.63
C GLU C 254 37.43 -31.98 -0.28
N VAL C 255 36.29 -31.85 0.40
CA VAL C 255 36.24 -31.27 1.73
C VAL C 255 36.54 -32.30 2.83
N LEU C 256 36.41 -33.59 2.54
CA LEU C 256 36.60 -34.60 3.56
C LEU C 256 38.05 -34.78 4.00
N LYS C 257 38.62 -33.73 4.60
CA LYS C 257 39.89 -33.84 5.30
C LYS C 257 39.69 -34.33 6.73
N SER C 258 38.47 -34.15 7.27
CA SER C 258 38.06 -34.64 8.58
C SER C 258 38.68 -33.88 9.75
N GLY C 259 38.04 -33.99 10.92
CA GLY C 259 38.46 -33.30 12.11
C GLY C 259 37.30 -32.66 12.86
N CYS C 260 36.63 -31.71 12.20
CA CYS C 260 35.61 -30.90 12.84
C CYS C 260 34.23 -31.54 12.90
N LEU C 261 33.94 -32.53 12.06
CA LEU C 261 32.60 -33.11 12.06
C LEU C 261 32.29 -33.88 13.34
N ASP C 262 33.30 -34.44 14.00
CA ASP C 262 33.12 -35.16 15.25
C ASP C 262 32.84 -34.25 16.44
N LEU C 263 32.78 -32.94 16.23
CA LEU C 263 32.46 -31.98 17.28
C LEU C 263 31.00 -31.54 17.24
N VAL C 264 30.20 -32.11 16.33
CA VAL C 264 28.80 -31.71 16.20
C VAL C 264 27.94 -32.37 17.26
N GLU C 265 28.05 -33.70 17.40
CA GLU C 265 27.15 -34.41 18.31
C GLU C 265 27.24 -33.91 19.75
N PRO C 266 28.43 -33.75 20.35
CA PRO C 266 28.47 -33.25 21.73
C PRO C 266 27.88 -31.85 21.89
N PHE C 267 28.03 -31.01 20.87
CA PHE C 267 27.54 -29.64 20.99
C PHE C 267 26.02 -29.59 20.95
N VAL C 268 25.41 -30.27 19.97
CA VAL C 268 23.96 -30.26 19.89
C VAL C 268 23.34 -31.01 21.05
N THR C 269 24.02 -32.04 21.56
CA THR C 269 23.48 -32.80 22.69
C THR C 269 23.71 -32.12 24.03
N SER C 270 24.56 -31.09 24.09
CA SER C 270 24.84 -30.41 25.35
C SER C 270 24.32 -28.99 25.40
N HIS C 271 23.70 -28.48 24.34
CA HIS C 271 23.24 -27.10 24.27
C HIS C 271 21.72 -27.04 24.19
N ASP C 272 21.13 -26.08 24.91
CA ASP C 272 19.70 -25.87 24.91
C ASP C 272 19.35 -24.95 23.76
N PRO C 273 18.63 -25.41 22.73
CA PRO C 273 18.37 -24.55 21.57
C PRO C 273 17.78 -23.19 21.91
N SER C 274 16.94 -23.10 22.95
CA SER C 274 16.31 -21.83 23.27
C SER C 274 17.30 -20.85 23.89
N ALA C 275 18.18 -21.32 24.78
CA ALA C 275 19.14 -20.43 25.40
C ALA C 275 20.22 -19.99 24.41
N PHE C 276 20.69 -20.92 23.58
CA PHE C 276 21.64 -20.54 22.54
C PHE C 276 20.98 -19.62 21.52
N ALA C 277 19.65 -19.72 21.35
CA ALA C 277 18.95 -18.79 20.48
C ALA C 277 18.89 -17.40 21.11
N ARG C 278 18.62 -17.31 22.42
CA ARG C 278 18.60 -16.01 23.05
C ARG C 278 19.98 -15.36 23.07
N SER C 279 21.05 -16.17 23.18
CA SER C 279 22.39 -15.59 23.16
C SER C 279 22.78 -15.14 21.76
N ASN C 280 22.32 -15.84 20.73
CA ASN C 280 22.70 -15.54 19.35
C ASN C 280 21.47 -15.63 18.45
N LEU C 281 21.39 -14.72 17.48
CA LEU C 281 20.32 -14.71 16.47
C LEU C 281 18.92 -14.63 17.06
N ALA C 282 18.77 -14.04 18.26
CA ALA C 282 17.46 -13.74 18.82
C ALA C 282 17.13 -12.26 18.82
N HIS C 283 18.07 -11.40 19.23
CA HIS C 283 17.86 -9.96 19.09
C HIS C 283 17.34 -9.64 17.70
N ALA C 284 18.03 -10.13 16.67
CA ALA C 284 17.47 -10.18 15.33
C ALA C 284 16.46 -11.32 15.26
N HIS C 285 15.42 -11.12 14.45
CA HIS C 285 14.33 -12.10 14.36
C HIS C 285 14.79 -13.32 13.57
N GLY C 286 15.79 -14.00 14.11
CA GLY C 286 16.38 -15.14 13.45
C GLY C 286 17.04 -14.75 12.14
N GLN C 287 17.37 -15.77 11.36
CA GLN C 287 17.90 -15.57 10.03
C GLN C 287 16.78 -15.29 9.03
N SER C 288 17.17 -14.82 7.84
CA SER C 288 16.20 -14.48 6.81
C SER C 288 15.57 -15.74 6.22
N LYS C 289 14.45 -15.55 5.53
CA LYS C 289 13.83 -16.66 4.83
C LYS C 289 14.70 -17.19 3.69
N HIS C 290 15.50 -16.31 3.07
CA HIS C 290 16.39 -16.75 2.00
C HIS C 290 17.61 -17.49 2.55
N TRP C 291 18.14 -17.00 3.67
CA TRP C 291 19.18 -17.76 4.39
C TRP C 291 18.70 -19.17 4.71
N LEU C 292 17.49 -19.29 5.26
CA LEU C 292 16.95 -20.60 5.60
C LEU C 292 16.65 -21.42 4.35
N LYS C 293 16.25 -20.78 3.26
CA LYS C 293 16.05 -21.52 2.01
C LYS C 293 17.37 -22.14 1.55
N ARG C 294 18.46 -21.37 1.63
CA ARG C 294 19.77 -21.92 1.29
C ARG C 294 20.17 -23.05 2.23
N LEU C 295 19.75 -22.98 3.50
CA LEU C 295 20.11 -24.03 4.45
C LEU C 295 19.27 -25.30 4.27
N VAL C 296 18.03 -25.17 3.79
CA VAL C 296 17.14 -26.34 3.70
C VAL C 296 17.82 -27.55 3.08
N PRO C 297 18.51 -27.45 1.94
CA PRO C 297 19.09 -28.66 1.33
C PRO C 297 20.15 -29.34 2.18
N VAL C 298 20.57 -28.74 3.29
CA VAL C 298 21.53 -29.43 4.17
C VAL C 298 20.84 -30.54 4.94
N LEU C 299 19.54 -30.40 5.20
CA LEU C 299 18.78 -31.46 5.88
C LEU C 299 18.80 -32.77 5.13
N SER C 300 19.08 -32.74 3.82
CA SER C 300 19.14 -33.96 3.01
C SER C 300 20.56 -34.17 2.51
N SER C 301 21.50 -34.40 3.43
CA SER C 301 22.91 -34.59 3.08
C SER C 301 23.35 -36.00 3.46
N ASN C 302 24.54 -36.35 2.99
CA ASN C 302 25.11 -37.67 3.27
C ASN C 302 25.63 -37.78 4.69
N ARG C 303 26.05 -36.66 5.28
CA ARG C 303 26.68 -36.69 6.59
C ARG C 303 25.61 -36.62 7.67
N GLU C 304 25.71 -37.51 8.66
CA GLU C 304 24.77 -37.47 9.77
C GLU C 304 24.94 -36.18 10.56
N GLU C 305 26.18 -35.72 10.72
CA GLU C 305 26.44 -34.52 11.53
C GLU C 305 25.88 -33.27 10.86
N ALA C 306 25.98 -33.19 9.54
CA ALA C 306 25.39 -32.07 8.82
C ALA C 306 23.89 -32.00 9.07
N ARG C 307 23.21 -33.15 8.99
CA ARG C 307 21.77 -33.16 9.24
C ARG C 307 21.47 -32.82 10.69
N ASN C 308 22.30 -33.28 11.62
CA ASN C 308 22.13 -32.95 13.03
C ASN C 308 22.17 -31.45 13.23
N LEU C 309 23.17 -30.79 12.63
CA LEU C 309 23.33 -29.36 12.84
C LEU C 309 22.22 -28.57 12.14
N ALA C 310 21.84 -29.00 10.93
CA ALA C 310 20.75 -28.31 10.24
C ALA C 310 19.44 -28.43 11.01
N ALA C 311 19.12 -29.64 11.49
CA ALA C 311 17.94 -29.82 12.32
C ALA C 311 18.01 -28.96 13.58
N PHE C 312 19.16 -28.97 14.26
CA PHE C 312 19.34 -28.10 15.41
C PHE C 312 19.02 -26.66 15.08
N HIS C 313 19.57 -26.16 13.98
CA HIS C 313 19.36 -24.75 13.65
C HIS C 313 17.90 -24.48 13.32
N PHE C 314 17.23 -25.43 12.68
CA PHE C 314 15.82 -25.20 12.34
C PHE C 314 14.94 -25.23 13.59
N CYS C 315 15.25 -26.13 14.53
CA CYS C 315 14.55 -26.11 15.81
C CYS C 315 14.79 -24.79 16.54
N MET C 316 15.97 -24.21 16.37
CA MET C 316 16.23 -22.91 16.97
C MET C 316 15.41 -21.82 16.31
N GLU C 317 15.44 -21.75 14.97
CA GLU C 317 14.74 -20.71 14.24
C GLU C 317 13.22 -20.82 14.41
N ALA C 318 12.71 -22.03 14.67
CA ALA C 318 11.27 -22.23 14.76
C ALA C 318 10.68 -21.46 15.94
N GLY C 319 11.33 -21.53 17.10
CA GLY C 319 10.84 -20.78 18.26
C GLY C 319 10.86 -19.29 18.03
N ILE C 320 11.95 -18.78 17.44
CA ILE C 320 12.06 -17.36 17.15
C ILE C 320 10.94 -16.94 16.21
N LYS C 321 10.79 -17.65 15.10
CA LYS C 321 9.76 -17.31 14.12
C LYS C 321 8.36 -17.42 14.74
N ARG C 322 8.16 -18.35 15.66
CA ARG C 322 6.88 -18.45 16.35
C ARG C 322 6.62 -17.24 17.24
N GLU C 323 7.65 -16.77 17.93
CA GLU C 323 7.51 -15.57 18.76
C GLU C 323 6.96 -14.40 17.96
N GLN C 324 7.43 -14.23 16.72
CA GLN C 324 7.01 -13.13 15.87
C GLN C 324 5.86 -13.48 14.94
N GLY C 325 5.30 -14.69 15.05
CA GLY C 325 4.19 -15.05 14.21
C GLY C 325 4.54 -15.29 12.76
N ASN C 326 5.83 -15.33 12.42
CA ASN C 326 6.28 -15.58 11.06
C ASN C 326 6.68 -17.03 10.86
N THR C 327 5.79 -17.97 11.18
CA THR C 327 6.09 -19.38 11.02
C THR C 327 5.91 -19.83 9.58
N ASP C 328 4.96 -19.22 8.86
CA ASP C 328 4.69 -19.61 7.49
C ASP C 328 5.92 -19.58 6.61
N ILE C 329 6.98 -18.89 7.05
CA ILE C 329 8.23 -18.90 6.29
C ILE C 329 8.60 -20.32 5.91
N PHE C 330 8.55 -21.25 6.87
CA PHE C 330 9.04 -22.59 6.61
C PHE C 330 8.26 -23.31 5.52
N ARG C 331 7.03 -22.87 5.23
CA ARG C 331 6.26 -23.43 4.13
C ARG C 331 6.62 -22.78 2.80
N GLU C 332 6.91 -21.48 2.83
CA GLU C 332 7.28 -20.77 1.60
C GLU C 332 8.61 -21.24 1.04
N ILE C 333 9.46 -21.86 1.87
CA ILE C 333 10.77 -22.32 1.45
C ILE C 333 10.82 -23.84 1.34
N ASN C 334 9.66 -24.50 1.35
CA ASN C 334 9.58 -25.95 1.21
C ASN C 334 10.44 -26.67 2.25
N ALA C 335 10.55 -26.07 3.44
CA ALA C 335 11.27 -26.69 4.54
C ALA C 335 10.45 -27.77 5.23
N ILE C 336 9.12 -27.72 5.12
CA ILE C 336 8.27 -28.67 5.84
C ILE C 336 8.52 -30.09 5.34
N GLU C 337 8.65 -30.26 4.03
CA GLU C 337 8.92 -31.58 3.47
C GLU C 337 10.17 -32.19 4.09
N ALA C 338 11.27 -31.44 4.06
CA ALA C 338 12.53 -31.95 4.60
C ALA C 338 12.44 -32.16 6.11
N LEU C 339 11.79 -31.23 6.83
CA LEU C 339 11.66 -31.40 8.26
C LEU C 339 10.93 -32.69 8.60
N LYS C 340 9.85 -32.99 7.89
CA LYS C 340 9.12 -34.23 8.15
C LYS C 340 9.97 -35.45 7.79
N ASN C 341 10.58 -35.43 6.60
CA ASN C 341 11.42 -36.54 6.21
C ASN C 341 12.51 -36.81 7.23
N VAL C 342 13.04 -35.77 7.87
CA VAL C 342 14.09 -35.96 8.86
C VAL C 342 13.51 -36.42 10.19
N ALA C 343 12.35 -35.87 10.58
CA ALA C 343 11.68 -36.30 11.80
C ALA C 343 11.28 -37.77 11.74
N SER C 344 11.19 -38.35 10.54
CA SER C 344 10.87 -39.77 10.43
C SER C 344 12.11 -40.66 10.57
N CYS C 345 13.27 -40.20 10.09
CA CYS C 345 14.44 -41.06 9.94
C CYS C 345 14.85 -41.69 11.27
N PRO C 346 15.71 -42.73 11.22
CA PRO C 346 16.15 -43.39 12.46
C PRO C 346 17.00 -42.50 13.35
N ASN C 347 17.96 -41.78 12.77
CA ASN C 347 18.82 -40.89 13.53
C ASN C 347 18.00 -40.04 14.49
N ALA C 348 18.15 -40.28 15.79
CA ALA C 348 17.36 -39.57 16.79
C ALA C 348 17.94 -38.22 17.19
N ILE C 349 19.24 -37.98 16.95
CA ILE C 349 19.82 -36.69 17.27
C ILE C 349 19.07 -35.59 16.52
N ALA C 350 18.84 -35.80 15.23
CA ALA C 350 18.15 -34.82 14.40
C ALA C 350 16.64 -34.98 14.40
N SER C 351 16.12 -36.18 14.73
CA SER C 351 14.67 -36.40 14.66
C SER C 351 13.94 -35.60 15.74
N LYS C 352 14.48 -35.58 16.96
CA LYS C 352 13.85 -34.81 18.03
C LYS C 352 13.83 -33.33 17.69
N PHE C 353 14.91 -32.81 17.11
CA PHE C 353 14.98 -31.40 16.77
C PHE C 353 13.97 -31.05 15.67
N ALA C 354 13.96 -31.84 14.59
CA ALA C 354 13.02 -31.58 13.51
C ALA C 354 11.59 -31.68 13.99
N ALA C 355 11.31 -32.63 14.89
CA ALA C 355 9.95 -32.78 15.40
C ALA C 355 9.53 -31.58 16.23
N GLN C 356 10.39 -31.13 17.14
CA GLN C 356 10.07 -29.94 17.93
C GLN C 356 9.89 -28.72 17.03
N ALA C 357 10.70 -28.63 15.97
CA ALA C 357 10.54 -27.53 15.03
C ALA C 357 9.19 -27.57 14.35
N LEU C 358 8.78 -28.77 13.91
CA LEU C 358 7.50 -28.92 13.24
C LEU C 358 6.34 -28.59 14.17
N ARG C 359 6.47 -28.97 15.45
CA ARG C 359 5.41 -28.65 16.40
C ARG C 359 5.37 -27.16 16.71
N LEU C 360 6.52 -26.48 16.63
CA LEU C 360 6.56 -25.04 16.83
C LEU C 360 6.06 -24.26 15.62
N ILE C 361 5.60 -24.95 14.58
CA ILE C 361 5.08 -24.32 13.38
C ILE C 361 3.60 -24.62 13.17
N GLY C 362 3.21 -25.89 13.34
CA GLY C 362 1.83 -26.30 13.17
C GLY C 362 1.69 -27.78 12.87
#